data_9ARY
#
_entry.id   9ARY
#
_cell.length_a   1.00
_cell.length_b   1.00
_cell.length_c   1.00
_cell.angle_alpha   90.00
_cell.angle_beta   90.00
_cell.angle_gamma   90.00
#
_symmetry.space_group_name_H-M   'P 1'
#
loop_
_entity.id
_entity.type
_entity.pdbx_description
1 polymer '5-hydroxytryptamine receptor 2A'
2 polymer 'G subunit q (Gi2-mini-Gq chimeric)'
3 polymer 'Guanine nucleotide-binding protein G(I)/G(S)/G(T) subunit beta-1'
4 polymer 'Guanine nucleotide-binding protein G(I)/G(S)/G(O) subunit gamma-2'
5 polymer 'single chain Fab (svFv16)'
6 non-polymer SEROTONIN
#
loop_
_entity_poly.entity_id
_entity_poly.type
_entity_poly.pdbx_seq_one_letter_code
_entity_poly.pdbx_strand_id
1 'polypeptide(L)'
;MDILCEENTSLSSTTNSLMQLNDDTRLYSNDFNSGEANTSDAFNWTVDSENRTNLSCEGCLSPSCLSLLHLQEKNWSALL
TAVVIILTIAGNILVIMAVSLEKKLQNATNYFLMSLAIADMLLGFLVMPVSMLTILYGYRWPLPSKLCAVWIYLDVLFST
ASIMHLCAISLDRYVAIQNPIHHSRFNSRTKAFLKIIAVWTISVGISMPIPVFGLQDDSKVFKEGSCLLADDNFVLIGSF
VSFFIPLTIMVITYFLTIKSLQKEATLCVSDLGTRAKLASFSFLPQSSLSSEKLFQRSIHREPGSYTGRRTMQSISNEQK
ACKVLGIVFFLFVVMWCPFFITNIMAVICKESCNEDVIGALLNVFVWIGYLSSAVNPLVYTLFNKTYRSAFSRYIQCQYK
ENKKPLQLILVNTIPALAYKSSQLQMGQKKNSKQDAKTTDNDCSMVALGKQHSEEASKDNSDGVNEKVSCV
;
A
2 'polypeptide(L)'
;MGSTVSAEDKAAAERSKMIDKNLREDGEKARRTLRLLLLGADNSGKSTIVKQMRILHGGSGGSGGTSGIFETKFQVDKVN
FHMFDVGGQRDERRKWIQCFNDVTAIIFVVDSSDYNRLQEALNDFKSIWNNRWLRTISVILFLNKQDLLAEKVLAGKSKI
EDYFPEFARYTTPEDATPEPGEDPRVTRAKYFIRKEFVDISTASGDGRHICYPHFTCAVDTENARRIFNDCKDIILQMNL
REYNLV
;
B
3 'polypeptide(L)'
;MHHHHHHLEVLFQGPGSSGSELDQLRQEAEQLKNQIRDARKACADATLSQITNNIDPVGRIQMRTRRTLRGHLAKIYAMH
WGTDSRLLVSASQDGKLIIWDSYTTNKVHAIPLRSSWVMTCAYAPSGNYVACGGLDNICSIYNLKTREGNVRVSRELAGH
TGYLSCCRFLDDNQIVTSSGDTTCALWDIETGQQTTTFTGHTGDVMSLSLAPDTRLFVSGACDASAKLWDVREGMCRQTF
TGHESDINAICFFPNGNAFATGSDDATCRLFDLRADQELMTYSHDNIICGITSVSFSKSGRLLLAGYDDFNCNVWDALKA
DRAGVLAGHDNRVSCLGVTDDGMAVATGSWDSFLKIWN
;
C
4 'polypeptide(L)' MASNNTASIAQARKLVEQLKMEANIDRIKVSKAAADLMAYCEAHAKEDPLLTPVPASENPFREKKFFCAIL D
5 'polypeptide(L)'
;DVQLVESGGGLVQPGGSRKLSCSASGFAFSSFGMHWVRQAPEKGLEWVAYISSGSGTIYYADTVKGRFTISRDDPKNTLF
LQMTSLRSEDTAMYYCVRSIYYYGSSPFDFWGQGTTLTVSSGGGGSGGGGSGGGGSDIVMTQATSSVPVTPGESVSISCR
SSKSLLHSNGNTYLYWFLQRPGQSPQLLIYRMSNLASGVPDRFSGSGSGTAFTLTISRLEAEDVGVYYCMQHLEYPLTFG
AGTKLELKAAALEVLFQGPHHHHHHHH
;
E
#
loop_
_chem_comp.id
_chem_comp.type
_chem_comp.name
_chem_comp.formula
SRO non-polymer SEROTONIN 'C10 H12 N2 O'
#
# COMPACT_ATOMS: atom_id res chain seq x y z
N LEU A 79 45.91 26.11 -12.95
CA LEU A 79 45.99 24.98 -13.86
C LEU A 79 44.58 24.55 -14.28
N LEU A 80 44.46 24.04 -15.51
CA LEU A 80 43.15 23.65 -16.03
C LEU A 80 42.62 22.39 -15.35
N THR A 81 43.52 21.52 -14.88
CA THR A 81 43.08 20.31 -14.20
C THR A 81 42.61 20.58 -12.78
N ALA A 82 42.93 21.76 -12.24
CA ALA A 82 42.51 22.08 -10.88
C ALA A 82 41.01 22.36 -10.80
N VAL A 83 40.40 22.79 -11.90
CA VAL A 83 38.97 23.09 -11.86
C VAL A 83 38.16 21.83 -12.10
N VAL A 84 38.73 20.83 -12.78
CA VAL A 84 37.98 19.65 -13.19
C VAL A 84 37.66 18.77 -12.00
N ILE A 85 38.60 18.61 -11.07
CA ILE A 85 38.37 17.82 -9.86
C ILE A 85 37.27 18.45 -8.99
N ILE A 86 37.30 19.78 -8.84
CA ILE A 86 36.30 20.47 -8.04
C ILE A 86 34.94 20.42 -8.71
N LEU A 87 34.90 20.57 -10.04
CA LEU A 87 33.65 20.49 -10.79
C LEU A 87 33.03 19.11 -10.71
N THR A 88 33.83 18.05 -10.82
CA THR A 88 33.32 16.69 -10.73
C THR A 88 32.80 16.38 -9.33
N ILE A 89 33.58 16.74 -8.31
CA ILE A 89 33.20 16.44 -6.92
C ILE A 89 31.99 17.24 -6.50
N ALA A 90 31.85 18.46 -7.02
CA ALA A 90 30.67 19.26 -6.72
C ALA A 90 29.43 18.73 -7.45
N GLY A 91 29.57 18.44 -8.74
CA GLY A 91 28.43 18.06 -9.55
C GLY A 91 27.84 16.72 -9.16
N ASN A 92 28.70 15.76 -8.81
CA ASN A 92 28.16 14.43 -8.49
C ASN A 92 27.49 14.44 -7.12
N ILE A 93 28.05 15.22 -6.19
CA ILE A 93 27.42 15.40 -4.88
C ILE A 93 26.08 16.09 -5.02
N LEU A 94 25.99 17.07 -5.94
CA LEU A 94 24.72 17.74 -6.19
C LEU A 94 23.68 16.79 -6.78
N VAL A 95 24.09 15.92 -7.71
CA VAL A 95 23.14 14.97 -8.32
C VAL A 95 22.66 13.95 -7.29
N ILE A 96 23.57 13.42 -6.46
CA ILE A 96 23.16 12.43 -5.46
C ILE A 96 22.30 13.08 -4.38
N MET A 97 22.61 14.33 -3.99
CA MET A 97 21.79 15.04 -3.02
C MET A 97 20.42 15.39 -3.59
N ALA A 98 20.34 15.67 -4.89
CA ALA A 98 19.06 15.97 -5.52
C ALA A 98 18.20 14.71 -5.67
N VAL A 99 18.85 13.56 -5.90
CA VAL A 99 18.10 12.31 -5.94
C VAL A 99 17.60 11.94 -4.55
N SER A 100 18.43 12.13 -3.53
CA SER A 100 18.04 11.76 -2.16
C SER A 100 16.99 12.71 -1.60
N LEU A 101 17.06 13.99 -1.94
CA LEU A 101 16.18 14.97 -1.34
C LEU A 101 14.84 15.09 -2.04
N GLU A 102 14.81 15.09 -3.37
CA GLU A 102 13.56 15.25 -4.11
C GLU A 102 12.84 13.91 -4.15
N LYS A 103 11.62 13.87 -3.63
CA LYS A 103 10.86 12.62 -3.60
C LYS A 103 10.29 12.27 -4.96
N LYS A 104 10.18 13.23 -5.87
CA LYS A 104 9.64 12.95 -7.20
C LYS A 104 10.63 12.22 -8.09
N LEU A 105 11.92 12.23 -7.73
CA LEU A 105 12.96 11.59 -8.53
C LEU A 105 13.32 10.19 -8.04
N GLN A 106 12.37 9.47 -7.45
CA GLN A 106 12.62 8.10 -7.00
C GLN A 106 12.05 7.14 -8.04
N ASN A 107 12.93 6.57 -8.85
CA ASN A 107 12.52 5.64 -9.90
C ASN A 107 13.70 4.72 -10.22
N ALA A 108 13.48 3.85 -11.20
CA ALA A 108 14.53 2.94 -11.63
C ALA A 108 15.63 3.68 -12.40
N THR A 109 15.22 4.56 -13.32
CA THR A 109 16.17 5.29 -14.15
C THR A 109 17.03 6.24 -13.33
N ASN A 110 16.42 6.87 -12.33
CA ASN A 110 17.18 7.77 -11.48
C ASN A 110 18.09 7.03 -10.52
N TYR A 111 17.73 5.79 -10.15
CA TYR A 111 18.64 4.94 -9.38
C TYR A 111 19.86 4.55 -10.20
N PHE A 112 19.64 4.21 -11.48
CA PHE A 112 20.76 3.92 -12.38
C PHE A 112 21.64 5.15 -12.59
N LEU A 113 21.01 6.33 -12.69
CA LEU A 113 21.77 7.57 -12.83
C LEU A 113 22.54 7.91 -11.56
N MET A 114 21.99 7.58 -10.39
CA MET A 114 22.72 7.74 -9.14
C MET A 114 23.91 6.80 -9.06
N SER A 115 23.76 5.58 -9.60
CA SER A 115 24.90 4.66 -9.69
C SER A 115 25.98 5.20 -10.62
N LEU A 116 25.57 5.82 -11.72
CA LEU A 116 26.50 6.47 -12.65
C LEU A 116 27.26 7.59 -11.94
N ALA A 117 26.54 8.42 -11.18
CA ALA A 117 27.16 9.50 -10.44
C ALA A 117 28.09 8.99 -9.35
N ILE A 118 27.75 7.86 -8.73
CA ILE A 118 28.63 7.22 -7.75
C ILE A 118 29.93 6.78 -8.41
N ALA A 119 29.83 6.18 -9.60
CA ALA A 119 31.02 5.72 -10.33
C ALA A 119 31.93 6.88 -10.71
N ASP A 120 31.35 7.96 -11.26
CA ASP A 120 32.19 9.10 -11.62
C ASP A 120 32.70 9.87 -10.40
N MET A 121 31.98 9.83 -9.28
CA MET A 121 32.47 10.53 -8.09
C MET A 121 33.63 9.77 -7.47
N LEU A 122 33.55 8.43 -7.48
CA LEU A 122 34.67 7.62 -7.06
C LEU A 122 35.87 7.82 -7.98
N LEU A 123 35.62 7.97 -9.29
CA LEU A 123 36.70 8.30 -10.23
C LEU A 123 37.35 9.64 -9.90
N GLY A 124 36.54 10.70 -9.76
CA GLY A 124 37.06 12.03 -9.51
C GLY A 124 37.65 12.22 -8.13
N PHE A 125 37.34 11.34 -7.19
CA PHE A 125 37.93 11.39 -5.86
C PHE A 125 39.18 10.54 -5.76
N LEU A 126 39.27 9.44 -6.51
CA LEU A 126 40.35 8.50 -6.28
C LEU A 126 41.46 8.60 -7.31
N VAL A 127 41.14 8.76 -8.59
CA VAL A 127 42.18 8.65 -9.62
C VAL A 127 42.54 10.01 -10.20
N MET A 128 41.70 11.02 -9.98
CA MET A 128 41.89 12.28 -10.70
C MET A 128 42.92 13.20 -10.03
N PRO A 129 42.94 13.40 -8.70
CA PRO A 129 44.09 14.12 -8.12
C PRO A 129 45.40 13.34 -8.19
N VAL A 130 45.36 12.02 -8.29
CA VAL A 130 46.57 11.24 -8.54
C VAL A 130 47.13 11.56 -9.92
N SER A 131 46.26 11.68 -10.93
CA SER A 131 46.70 12.06 -12.26
C SER A 131 47.20 13.51 -12.29
N MET A 132 46.57 14.39 -11.50
CA MET A 132 47.08 15.75 -11.37
C MET A 132 48.47 15.77 -10.72
N LEU A 133 48.69 14.91 -9.72
CA LEU A 133 49.99 14.79 -9.08
C LEU A 133 51.04 14.26 -10.05
N THR A 134 50.64 13.32 -10.92
CA THR A 134 51.53 12.82 -11.96
C THR A 134 51.87 13.93 -12.95
N ILE A 135 50.90 14.78 -13.26
CA ILE A 135 51.13 15.94 -14.14
C ILE A 135 52.12 16.93 -13.50
N LEU A 136 51.94 17.22 -12.21
CA LEU A 136 52.73 18.24 -11.55
C LEU A 136 54.18 17.81 -11.31
N TYR A 137 54.47 16.51 -11.39
CA TYR A 137 55.82 15.99 -11.26
C TYR A 137 56.45 15.66 -12.60
N GLY A 138 55.77 15.96 -13.71
CA GLY A 138 56.30 15.63 -15.03
C GLY A 138 56.39 14.15 -15.32
N TYR A 139 55.35 13.39 -14.98
CA TYR A 139 55.15 11.96 -15.22
C TYR A 139 56.15 11.05 -14.51
N ARG A 140 57.00 11.59 -13.62
CA ARG A 140 57.81 10.76 -12.73
C ARG A 140 57.01 10.55 -11.46
N TRP A 141 56.67 9.30 -11.16
CA TRP A 141 55.61 9.01 -10.21
C TRP A 141 56.10 9.19 -8.77
N PRO A 142 55.48 10.05 -7.97
CA PRO A 142 55.95 10.26 -6.60
C PRO A 142 55.53 9.15 -5.64
N LEU A 143 54.34 8.61 -5.85
CA LEU A 143 53.79 7.54 -5.03
C LEU A 143 54.61 6.27 -5.23
N PRO A 144 54.75 5.42 -4.21
CA PRO A 144 55.65 4.27 -4.36
C PRO A 144 55.09 3.13 -5.20
N SER A 145 55.97 2.19 -5.54
CA SER A 145 55.71 1.28 -6.65
C SER A 145 54.67 0.22 -6.32
N LYS A 146 54.32 0.07 -5.04
CA LYS A 146 53.30 -0.90 -4.66
C LYS A 146 51.89 -0.45 -5.07
N LEU A 147 51.70 0.85 -5.32
CA LEU A 147 50.34 1.35 -5.57
C LEU A 147 50.05 1.58 -7.04
N CYS A 148 50.89 1.08 -7.96
CA CYS A 148 50.65 1.34 -9.37
C CYS A 148 49.54 0.46 -9.92
N ALA A 149 49.53 -0.82 -9.51
CA ALA A 149 48.58 -1.76 -10.09
C ALA A 149 47.15 -1.51 -9.61
N VAL A 150 46.99 -0.80 -8.51
CA VAL A 150 45.64 -0.48 -8.03
C VAL A 150 45.14 0.81 -8.64
N TRP A 151 46.04 1.70 -9.08
CA TRP A 151 45.60 2.93 -9.72
C TRP A 151 45.07 2.66 -11.12
N ILE A 152 45.75 1.77 -11.86
CA ILE A 152 45.22 1.32 -13.14
C ILE A 152 43.93 0.53 -12.94
N TYR A 153 43.86 -0.24 -11.85
CA TYR A 153 42.63 -0.98 -11.51
C TYR A 153 41.46 -0.04 -11.28
N LEU A 154 41.66 1.01 -10.48
CA LEU A 154 40.59 1.96 -10.21
C LEU A 154 40.20 2.73 -11.45
N ASP A 155 41.20 3.11 -12.26
CA ASP A 155 40.94 3.86 -13.49
C ASP A 155 40.12 3.04 -14.49
N VAL A 156 40.57 1.81 -14.77
CA VAL A 156 39.88 0.96 -15.73
C VAL A 156 38.52 0.53 -15.19
N LEU A 157 38.42 0.28 -13.88
CA LEU A 157 37.17 -0.14 -13.27
C LEU A 157 36.11 0.96 -13.34
N PHE A 158 36.47 2.18 -12.94
CA PHE A 158 35.49 3.26 -12.94
C PHE A 158 35.17 3.74 -14.36
N SER A 159 36.16 3.73 -15.27
CA SER A 159 35.89 4.14 -16.64
C SER A 159 35.03 3.12 -17.38
N THR A 160 35.29 1.82 -17.18
CA THR A 160 34.46 0.79 -17.77
C THR A 160 33.06 0.79 -17.15
N ALA A 161 32.97 1.14 -15.87
CA ALA A 161 31.67 1.28 -15.21
C ALA A 161 30.86 2.41 -15.84
N SER A 162 31.52 3.55 -16.09
CA SER A 162 30.83 4.68 -16.73
C SER A 162 30.40 4.35 -18.15
N ILE A 163 31.28 3.70 -18.92
CA ILE A 163 30.98 3.39 -20.32
C ILE A 163 29.84 2.36 -20.42
N MET A 164 29.87 1.33 -19.58
CA MET A 164 28.80 0.34 -19.58
C MET A 164 27.50 0.91 -19.01
N HIS A 165 27.60 1.90 -18.11
CA HIS A 165 26.42 2.63 -17.67
C HIS A 165 25.74 3.36 -18.83
N LEU A 166 26.54 4.04 -19.65
CA LEU A 166 25.97 4.76 -20.80
C LEU A 166 25.42 3.80 -21.85
N CYS A 167 26.10 2.65 -22.04
CA CYS A 167 25.62 1.64 -22.97
C CYS A 167 24.29 1.04 -22.54
N ALA A 168 24.16 0.73 -21.23
CA ALA A 168 22.92 0.18 -20.72
C ALA A 168 21.80 1.21 -20.74
N ILE A 169 22.13 2.49 -20.51
CA ILE A 169 21.13 3.55 -20.60
C ILE A 169 20.62 3.70 -22.03
N SER A 170 21.53 3.62 -23.01
CA SER A 170 21.12 3.69 -24.42
C SER A 170 20.25 2.49 -24.82
N LEU A 171 20.61 1.29 -24.36
CA LEU A 171 19.79 0.11 -24.66
C LEU A 171 18.42 0.20 -24.01
N ASP A 172 18.38 0.68 -22.76
CA ASP A 172 17.09 0.80 -22.04
C ASP A 172 16.22 1.85 -22.77
N ARG A 173 16.84 2.96 -23.20
CA ARG A 173 16.08 3.99 -23.92
C ARG A 173 15.55 3.45 -25.24
N TYR A 174 16.32 2.62 -25.95
CA TYR A 174 15.82 2.02 -27.18
C TYR A 174 14.65 1.09 -26.91
N VAL A 175 14.71 0.29 -25.84
CA VAL A 175 13.60 -0.60 -25.52
C VAL A 175 12.38 0.19 -25.07
N ALA A 176 12.60 1.25 -24.27
CA ALA A 176 11.49 2.08 -23.78
C ALA A 176 10.96 3.04 -24.81
N ILE A 177 11.58 3.18 -25.97
CA ILE A 177 11.07 4.08 -27.00
C ILE A 177 10.46 3.29 -28.14
N GLN A 178 11.08 2.13 -28.48
CA GLN A 178 10.57 1.31 -29.58
C GLN A 178 9.21 0.69 -29.27
N ASN A 179 9.09 0.03 -28.12
CA ASN A 179 7.81 -0.57 -27.69
C ASN A 179 7.50 -0.18 -26.26
N PRO A 180 6.82 0.96 -26.06
CA PRO A 180 6.65 1.48 -24.70
C PRO A 180 5.69 0.68 -23.83
N ILE A 181 4.78 -0.10 -24.43
CA ILE A 181 3.86 -0.90 -23.63
C ILE A 181 4.58 -2.06 -22.97
N HIS A 182 5.36 -2.81 -23.76
CA HIS A 182 6.02 -4.00 -23.24
C HIS A 182 7.22 -3.67 -22.35
N HIS A 183 7.76 -2.46 -22.46
CA HIS A 183 8.79 -2.03 -21.52
C HIS A 183 8.19 -1.72 -20.16
N SER A 184 7.06 -1.00 -20.14
CA SER A 184 6.43 -0.64 -18.88
C SER A 184 5.73 -1.83 -18.23
N ARG A 185 5.44 -2.87 -19.03
CA ARG A 185 4.89 -4.10 -18.46
C ARG A 185 5.93 -4.82 -17.60
N PHE A 186 7.20 -4.78 -18.00
CA PHE A 186 8.28 -5.45 -17.28
C PHE A 186 9.12 -4.51 -16.42
N ASN A 187 8.72 -3.25 -16.26
CA ASN A 187 9.58 -2.24 -15.64
C ASN A 187 9.50 -2.24 -14.11
N SER A 188 10.04 -3.27 -13.46
CA SER A 188 10.10 -3.28 -12.01
C SER A 188 11.37 -2.59 -11.53
N ARG A 189 11.57 -2.60 -10.20
CA ARG A 189 12.86 -2.19 -9.65
C ARG A 189 13.90 -3.29 -9.79
N THR A 190 13.46 -4.52 -10.07
CA THR A 190 14.39 -5.60 -10.41
C THR A 190 15.13 -5.31 -11.70
N LYS A 191 14.51 -4.55 -12.62
CA LYS A 191 15.19 -4.06 -13.82
C LYS A 191 16.41 -3.22 -13.46
N ALA A 192 16.23 -2.24 -12.57
CA ALA A 192 17.32 -1.37 -12.17
C ALA A 192 18.39 -2.12 -11.40
N PHE A 193 17.98 -3.02 -10.50
CA PHE A 193 18.96 -3.74 -9.70
C PHE A 193 19.74 -4.74 -10.54
N LEU A 194 19.09 -5.40 -11.50
CA LEU A 194 19.79 -6.30 -12.40
C LEU A 194 20.69 -5.55 -13.36
N LYS A 195 20.29 -4.34 -13.79
CA LYS A 195 21.13 -3.54 -14.66
C LYS A 195 22.38 -3.06 -13.94
N ILE A 196 22.24 -2.61 -12.69
CA ILE A 196 23.37 -2.19 -11.88
C ILE A 196 24.31 -3.37 -11.61
N ILE A 197 23.73 -4.54 -11.29
CA ILE A 197 24.50 -5.76 -11.04
C ILE A 197 25.27 -6.17 -12.28
N ALA A 198 24.62 -6.09 -13.45
CA ALA A 198 25.25 -6.48 -14.71
C ALA A 198 26.40 -5.55 -15.08
N VAL A 199 26.19 -4.23 -14.97
CA VAL A 199 27.25 -3.32 -15.39
C VAL A 199 28.42 -3.33 -14.40
N TRP A 200 28.16 -3.51 -13.10
CA TRP A 200 29.29 -3.57 -12.16
C TRP A 200 29.99 -4.92 -12.20
N THR A 201 29.27 -6.01 -12.47
CA THR A 201 29.91 -7.31 -12.66
C THR A 201 30.78 -7.30 -13.90
N ILE A 202 30.31 -6.68 -14.99
CA ILE A 202 31.10 -6.57 -16.21
C ILE A 202 32.33 -5.70 -15.98
N SER A 203 32.16 -4.59 -15.25
CA SER A 203 33.28 -3.69 -14.98
C SER A 203 34.32 -4.33 -14.07
N VAL A 204 33.90 -5.19 -13.14
CA VAL A 204 34.85 -5.95 -12.34
C VAL A 204 35.55 -7.01 -13.18
N GLY A 205 34.79 -7.74 -14.01
CA GLY A 205 35.34 -8.89 -14.71
C GLY A 205 36.28 -8.53 -15.84
N ILE A 206 36.02 -7.40 -16.51
CA ILE A 206 36.93 -6.93 -17.56
C ILE A 206 38.24 -6.46 -16.95
N SER A 207 38.18 -5.78 -15.81
CA SER A 207 39.36 -5.25 -15.15
C SER A 207 40.10 -6.30 -14.32
N MET A 208 39.66 -7.56 -14.35
CA MET A 208 40.24 -8.60 -13.48
C MET A 208 41.75 -8.87 -13.65
N PRO A 209 42.35 -8.89 -14.85
CA PRO A 209 43.80 -9.17 -14.87
C PRO A 209 44.68 -8.01 -14.44
N ILE A 210 44.12 -6.87 -14.05
CA ILE A 210 44.96 -5.73 -13.65
C ILE A 210 45.65 -5.93 -12.30
N PRO A 211 44.93 -6.20 -11.15
CA PRO A 211 45.67 -6.18 -9.87
C PRO A 211 46.42 -7.47 -9.54
N VAL A 212 45.96 -8.61 -10.04
CA VAL A 212 46.63 -9.88 -9.72
C VAL A 212 47.96 -9.99 -10.45
N PHE A 213 48.05 -9.44 -11.66
CA PHE A 213 49.24 -9.56 -12.49
C PHE A 213 50.08 -8.29 -12.49
N GLY A 214 49.83 -7.37 -11.57
CA GLY A 214 50.58 -6.13 -11.55
C GLY A 214 51.28 -5.84 -10.24
N LEU A 215 50.78 -6.40 -9.13
CA LEU A 215 51.35 -6.09 -7.82
C LEU A 215 52.70 -6.76 -7.63
N GLN A 216 52.83 -8.02 -8.02
CA GLN A 216 54.12 -8.69 -7.96
C GLN A 216 54.91 -8.52 -9.25
N ASP A 217 54.23 -8.40 -10.39
CA ASP A 217 54.89 -8.22 -11.68
C ASP A 217 54.86 -6.76 -12.10
N ASP A 218 55.87 -5.99 -11.70
CA ASP A 218 55.87 -4.56 -11.98
C ASP A 218 56.24 -4.25 -13.43
N SER A 219 56.78 -5.23 -14.15
CA SER A 219 57.22 -4.99 -15.52
C SER A 219 56.06 -4.82 -16.50
N LYS A 220 54.88 -5.38 -16.17
CA LYS A 220 53.73 -5.27 -17.07
C LYS A 220 52.91 -4.01 -16.82
N VAL A 221 53.18 -3.26 -15.76
CA VAL A 221 52.41 -2.07 -15.43
C VAL A 221 53.33 -0.88 -15.20
N PHE A 222 54.53 -0.92 -15.78
CA PHE A 222 55.45 0.21 -15.76
C PHE A 222 56.07 0.38 -17.15
N LYS A 223 56.33 1.63 -17.52
CA LYS A 223 57.02 1.94 -18.76
C LYS A 223 57.91 3.14 -18.54
N GLU A 224 59.23 2.88 -18.50
CA GLU A 224 60.27 3.89 -18.25
C GLU A 224 60.06 4.64 -16.94
N GLY A 225 59.67 3.92 -15.89
CA GLY A 225 59.48 4.53 -14.59
C GLY A 225 58.21 5.31 -14.40
N SER A 226 57.19 5.04 -15.21
CA SER A 226 55.89 5.70 -15.08
C SER A 226 54.79 4.65 -15.14
N CYS A 227 53.67 4.94 -14.49
CA CYS A 227 52.54 4.02 -14.50
C CYS A 227 51.85 4.06 -15.87
N LEU A 228 51.97 2.98 -16.62
CA LEU A 228 51.29 2.83 -17.89
C LEU A 228 51.07 1.35 -18.13
N LEU A 229 50.06 1.05 -18.93
CA LEU A 229 49.80 -0.34 -19.31
C LEU A 229 50.76 -0.78 -20.41
N ALA A 230 51.91 -1.32 -20.01
CA ALA A 230 52.88 -1.80 -20.99
C ALA A 230 52.43 -3.09 -21.66
N ASP A 231 51.56 -3.87 -21.01
CA ASP A 231 51.06 -5.12 -21.58
C ASP A 231 50.02 -4.78 -22.64
N ASP A 232 50.49 -4.69 -23.88
CA ASP A 232 49.61 -4.29 -24.99
C ASP A 232 48.63 -5.39 -25.35
N ASN A 233 48.94 -6.64 -25.00
CA ASN A 233 47.99 -7.73 -25.21
C ASN A 233 46.77 -7.58 -24.32
N PHE A 234 46.93 -6.98 -23.14
CA PHE A 234 45.79 -6.55 -22.35
C PHE A 234 45.10 -5.35 -23.00
N VAL A 235 45.88 -4.42 -23.55
CA VAL A 235 45.36 -3.12 -23.99
C VAL A 235 44.42 -3.29 -25.17
N LEU A 236 44.82 -4.07 -26.18
CA LEU A 236 44.02 -4.22 -27.40
C LEU A 236 42.70 -4.94 -27.13
N ILE A 237 42.76 -6.08 -26.43
CA ILE A 237 41.57 -6.84 -26.13
C ILE A 237 40.67 -6.10 -25.14
N GLY A 238 41.27 -5.39 -24.17
CA GLY A 238 40.47 -4.65 -23.20
C GLY A 238 39.76 -3.46 -23.81
N SER A 239 40.42 -2.76 -24.74
CA SER A 239 39.74 -1.70 -25.49
C SER A 239 38.63 -2.29 -26.36
N PHE A 240 38.86 -3.48 -26.92
CA PHE A 240 37.86 -4.12 -27.76
C PHE A 240 36.61 -4.51 -26.96
N VAL A 241 36.77 -4.98 -25.72
CA VAL A 241 35.58 -5.35 -24.96
C VAL A 241 35.03 -4.17 -24.17
N SER A 242 35.82 -3.12 -23.95
CA SER A 242 35.41 -2.07 -23.03
C SER A 242 34.83 -0.87 -23.75
N PHE A 243 35.32 -0.56 -24.95
CA PHE A 243 34.81 0.63 -25.61
C PHE A 243 34.22 0.32 -26.99
N PHE A 244 34.90 -0.50 -27.78
CA PHE A 244 34.55 -0.61 -29.20
C PHE A 244 33.31 -1.48 -29.42
N ILE A 245 33.11 -2.51 -28.61
CA ILE A 245 31.85 -3.27 -28.66
C ILE A 245 30.72 -2.47 -28.00
N PRO A 246 30.92 -1.73 -26.88
CA PRO A 246 29.91 -0.73 -26.52
C PRO A 246 29.67 0.35 -27.57
N LEU A 247 30.70 0.78 -28.30
CA LEU A 247 30.48 1.77 -29.35
C LEU A 247 29.63 1.20 -30.49
N THR A 248 29.90 -0.04 -30.89
CA THR A 248 29.09 -0.65 -31.94
C THR A 248 27.72 -1.08 -31.44
N ILE A 249 27.50 -1.15 -30.13
CA ILE A 249 26.14 -1.34 -29.62
C ILE A 249 25.40 -0.01 -29.61
N MET A 250 26.03 1.06 -29.09
CA MET A 250 25.32 2.32 -28.94
C MET A 250 25.10 3.03 -30.27
N VAL A 251 25.95 2.80 -31.27
CA VAL A 251 25.69 3.36 -32.61
C VAL A 251 24.42 2.74 -33.20
N ILE A 252 24.28 1.41 -33.07
CA ILE A 252 23.10 0.72 -33.59
C ILE A 252 21.85 1.11 -32.82
N THR A 253 21.93 1.21 -31.48
CA THR A 253 20.75 1.58 -30.71
C THR A 253 20.37 3.04 -30.91
N TYR A 254 21.36 3.94 -31.09
CA TYR A 254 21.06 5.32 -31.39
C TYR A 254 20.42 5.46 -32.77
N PHE A 255 20.93 4.72 -33.75
CA PHE A 255 20.37 4.75 -35.10
C PHE A 255 18.94 4.23 -35.11
N LEU A 256 18.68 3.12 -34.40
CA LEU A 256 17.33 2.57 -34.37
C LEU A 256 16.39 3.37 -33.48
N THR A 257 16.92 4.12 -32.51
CA THR A 257 16.06 4.99 -31.70
C THR A 257 15.66 6.23 -32.48
N ILE A 258 16.59 6.77 -33.30
CA ILE A 258 16.24 7.86 -34.21
C ILE A 258 15.27 7.35 -35.28
N LYS A 259 15.46 6.12 -35.74
CA LYS A 259 14.52 5.51 -36.67
C LYS A 259 13.16 5.24 -36.05
N SER A 260 13.09 5.03 -34.74
CA SER A 260 11.83 4.80 -34.06
C SER A 260 11.16 6.08 -33.60
N LEU A 261 11.87 7.21 -33.61
CA LEU A 261 11.29 8.52 -33.34
C LEU A 261 10.99 9.29 -34.61
N GLN A 262 10.58 8.61 -35.67
CA GLN A 262 10.24 9.26 -36.93
C GLN A 262 8.88 8.80 -37.44
N GLN A 313 0.31 16.09 -30.40
CA GLN A 313 1.41 17.04 -30.26
C GLN A 313 2.67 16.36 -29.73
N SER A 314 2.72 15.04 -29.88
CA SER A 314 3.91 14.30 -29.47
C SER A 314 5.09 14.54 -30.40
N ILE A 315 4.81 15.01 -31.62
CA ILE A 315 5.86 15.31 -32.59
C ILE A 315 6.74 16.46 -32.15
N SER A 316 6.25 17.35 -31.30
CA SER A 316 7.09 18.40 -30.75
C SER A 316 8.04 17.87 -29.68
N ASN A 317 7.56 16.94 -28.85
CA ASN A 317 8.40 16.39 -27.79
C ASN A 317 9.43 15.41 -28.34
N GLU A 318 9.10 14.75 -29.45
CA GLU A 318 10.06 13.83 -30.06
C GLU A 318 11.27 14.56 -30.64
N GLN A 319 11.09 15.81 -31.07
CA GLN A 319 12.24 16.59 -31.55
C GLN A 319 13.18 16.95 -30.40
N LYS A 320 12.63 17.29 -29.23
CA LYS A 320 13.48 17.56 -28.07
C LYS A 320 14.18 16.30 -27.59
N ALA A 321 13.49 15.16 -27.65
CA ALA A 321 14.12 13.88 -27.30
C ALA A 321 15.24 13.53 -28.28
N CYS A 322 15.02 13.79 -29.57
CA CYS A 322 16.04 13.55 -30.58
C CYS A 322 17.25 14.46 -30.39
N LYS A 323 17.02 15.72 -30.05
CA LYS A 323 18.12 16.65 -29.83
C LYS A 323 18.94 16.26 -28.60
N VAL A 324 18.27 15.84 -27.53
CA VAL A 324 18.97 15.41 -26.32
C VAL A 324 19.76 14.13 -26.59
N LEU A 325 19.17 13.18 -27.32
CA LEU A 325 19.87 11.94 -27.66
C LEU A 325 21.08 12.20 -28.55
N GLY A 326 20.96 13.11 -29.51
CA GLY A 326 22.07 13.48 -30.36
C GLY A 326 23.21 14.15 -29.63
N ILE A 327 22.87 15.10 -28.74
CA ILE A 327 23.88 15.80 -27.94
C ILE A 327 24.61 14.82 -27.03
N VAL A 328 23.87 13.92 -26.38
CA VAL A 328 24.47 12.97 -25.45
C VAL A 328 25.36 11.97 -26.19
N PHE A 329 24.89 11.42 -27.31
CA PHE A 329 25.66 10.43 -28.05
C PHE A 329 26.93 11.03 -28.65
N PHE A 330 26.81 12.19 -29.31
CA PHE A 330 27.99 12.78 -29.94
C PHE A 330 28.95 13.35 -28.93
N LEU A 331 28.45 13.81 -27.77
CA LEU A 331 29.34 14.22 -26.69
C LEU A 331 30.09 13.04 -26.09
N PHE A 332 29.45 11.87 -25.96
CA PHE A 332 30.14 10.67 -25.50
C PHE A 332 31.23 10.26 -26.50
N VAL A 333 30.91 10.31 -27.79
CA VAL A 333 31.86 9.92 -28.83
C VAL A 333 33.06 10.86 -28.86
N VAL A 334 32.79 12.17 -28.76
CA VAL A 334 33.86 13.16 -28.75
C VAL A 334 34.70 13.08 -27.48
N MET A 335 34.09 12.79 -26.32
CA MET A 335 34.85 12.77 -25.08
C MET A 335 35.72 11.51 -24.95
N TRP A 336 35.18 10.34 -25.33
CA TRP A 336 35.93 9.10 -25.09
C TRP A 336 36.69 8.59 -26.31
N CYS A 337 36.22 8.88 -27.52
CA CYS A 337 36.75 8.22 -28.71
C CYS A 337 38.16 8.60 -29.14
N PRO A 338 38.67 9.85 -28.97
CA PRO A 338 40.10 10.06 -29.29
C PRO A 338 41.08 9.23 -28.47
N PHE A 339 40.81 9.05 -27.17
CA PHE A 339 41.75 8.33 -26.31
C PHE A 339 41.87 6.87 -26.69
N PHE A 340 40.73 6.21 -26.97
CA PHE A 340 40.79 4.80 -27.31
C PHE A 340 41.34 4.56 -28.70
N ILE A 341 41.08 5.47 -29.64
CA ILE A 341 41.62 5.36 -31.00
C ILE A 341 43.14 5.49 -30.97
N THR A 342 43.66 6.51 -30.26
CA THR A 342 45.10 6.64 -30.18
C THR A 342 45.73 5.59 -29.27
N ASN A 343 44.95 5.00 -28.36
CA ASN A 343 45.46 3.94 -27.50
C ASN A 343 45.64 2.64 -28.28
N ILE A 344 44.69 2.32 -29.16
CA ILE A 344 44.84 1.16 -30.03
C ILE A 344 45.93 1.40 -31.08
N MET A 345 45.99 2.63 -31.61
CA MET A 345 47.00 2.96 -32.62
C MET A 345 48.41 2.99 -32.02
N ALA A 346 48.52 3.15 -30.70
CA ALA A 346 49.81 3.00 -30.04
C ALA A 346 50.31 1.56 -30.12
N VAL A 347 49.42 0.59 -29.92
CA VAL A 347 49.84 -0.81 -29.95
C VAL A 347 49.96 -1.31 -31.39
N ILE A 348 49.20 -0.73 -32.32
CA ILE A 348 49.31 -1.12 -33.72
C ILE A 348 50.63 -0.64 -34.31
N CYS A 349 51.05 0.56 -33.96
CA CYS A 349 52.31 1.12 -34.45
C CYS A 349 53.50 0.56 -33.67
N ASP A 356 57.33 10.29 -30.00
CA ASP A 356 56.74 10.64 -28.70
C ASP A 356 55.50 11.49 -28.89
N VAL A 357 54.98 11.54 -30.12
CA VAL A 357 53.75 12.27 -30.39
C VAL A 357 52.56 11.54 -29.80
N ILE A 358 52.60 10.20 -29.82
CA ILE A 358 51.49 9.38 -29.32
C ILE A 358 51.33 9.55 -27.81
N GLY A 359 52.45 9.55 -27.08
CA GLY A 359 52.39 9.76 -25.65
C GLY A 359 51.92 11.15 -25.25
N ALA A 360 52.36 12.17 -26.00
CA ALA A 360 51.90 13.53 -25.74
C ALA A 360 50.42 13.72 -26.08
N LEU A 361 49.92 12.99 -27.07
CA LEU A 361 48.49 13.00 -27.34
C LEU A 361 47.72 12.28 -26.25
N LEU A 362 48.25 11.15 -25.78
CA LEU A 362 47.58 10.36 -24.74
C LEU A 362 47.50 11.11 -23.42
N ASN A 363 48.52 11.92 -23.13
CA ASN A 363 48.61 12.64 -21.87
C ASN A 363 47.49 13.66 -21.72
N VAL A 364 47.00 14.23 -22.82
CA VAL A 364 45.88 15.15 -22.79
C VAL A 364 44.55 14.47 -23.13
N PHE A 365 44.59 13.35 -23.86
CA PHE A 365 43.35 12.65 -24.16
C PHE A 365 42.82 11.89 -22.97
N VAL A 366 43.69 11.53 -22.01
CA VAL A 366 43.23 10.97 -20.75
C VAL A 366 42.40 12.00 -19.99
N TRP A 367 42.88 13.24 -19.92
CA TRP A 367 42.13 14.28 -19.22
C TRP A 367 40.90 14.72 -20.00
N ILE A 368 40.91 14.59 -21.32
CA ILE A 368 39.67 14.75 -22.09
C ILE A 368 38.68 13.66 -21.72
N GLY A 369 39.16 12.43 -21.55
CA GLY A 369 38.34 11.34 -21.07
C GLY A 369 37.82 11.53 -19.66
N TYR A 370 38.61 12.20 -18.81
CA TYR A 370 38.14 12.50 -17.45
C TYR A 370 37.09 13.61 -17.46
N LEU A 371 37.07 14.42 -18.51
CA LEU A 371 36.10 15.51 -18.59
C LEU A 371 34.69 14.99 -18.85
N SER A 372 34.56 13.76 -19.36
CA SER A 372 33.25 13.17 -19.58
C SER A 372 32.54 12.91 -18.25
N SER A 373 33.29 12.56 -17.22
CA SER A 373 32.71 12.24 -15.92
C SER A 373 32.21 13.47 -15.16
N ALA A 374 32.56 14.67 -15.60
CA ALA A 374 31.97 15.87 -15.03
C ALA A 374 30.78 16.35 -15.84
N VAL A 375 30.71 15.97 -17.11
CA VAL A 375 29.63 16.43 -17.98
C VAL A 375 28.45 15.47 -17.92
N ASN A 376 28.70 14.17 -17.72
CA ASN A 376 27.65 13.15 -17.64
C ASN A 376 26.58 13.40 -16.57
N PRO A 377 26.87 13.95 -15.37
CA PRO A 377 25.76 14.44 -14.54
C PRO A 377 24.97 15.58 -15.16
N LEU A 378 25.60 16.45 -15.93
CA LEU A 378 24.90 17.63 -16.44
C LEU A 378 23.98 17.26 -17.60
N VAL A 379 24.51 16.55 -18.60
CA VAL A 379 23.74 16.30 -19.80
C VAL A 379 22.67 15.21 -19.60
N TYR A 380 22.72 14.49 -18.48
CA TYR A 380 21.71 13.47 -18.20
C TYR A 380 20.65 13.93 -17.20
N THR A 381 20.82 15.09 -16.58
CA THR A 381 19.86 15.56 -15.59
C THR A 381 19.25 16.92 -15.92
N LEU A 382 20.00 17.82 -16.55
CA LEU A 382 19.52 19.19 -16.75
C LEU A 382 18.44 19.30 -17.82
N PHE A 383 18.17 18.24 -18.57
CA PHE A 383 17.01 18.25 -19.47
C PHE A 383 15.70 18.14 -18.71
N ASN A 384 15.74 17.72 -17.45
CA ASN A 384 14.57 17.61 -16.59
C ASN A 384 14.61 18.77 -15.59
N LYS A 385 13.52 19.52 -15.51
CA LYS A 385 13.50 20.74 -14.71
C LYS A 385 13.47 20.48 -13.21
N THR A 386 13.17 19.24 -12.80
CA THR A 386 13.16 18.91 -11.38
C THR A 386 14.58 18.92 -10.80
N TYR A 387 15.57 18.54 -11.61
CA TYR A 387 16.96 18.62 -11.16
C TYR A 387 17.43 20.06 -11.08
N ARG A 388 16.97 20.92 -11.99
CA ARG A 388 17.34 22.32 -11.95
C ARG A 388 16.66 23.05 -10.79
N SER A 389 15.46 22.62 -10.42
CA SER A 389 14.77 23.23 -9.28
C SER A 389 15.36 22.77 -7.95
N ALA A 390 16.11 21.67 -7.95
CA ALA A 390 16.75 21.18 -6.74
C ALA A 390 18.05 21.93 -6.47
N THR B 4 17.00 -15.60 22.50
CA THR B 4 15.83 -15.12 23.24
C THR B 4 14.67 -14.85 22.29
N VAL B 5 14.37 -15.84 21.44
CA VAL B 5 13.26 -15.78 20.50
C VAL B 5 12.46 -17.07 20.62
N SER B 6 11.14 -16.94 20.67
CA SER B 6 10.27 -18.09 20.78
C SER B 6 10.08 -18.75 19.41
N ALA B 7 9.84 -20.06 19.43
CA ALA B 7 9.58 -20.79 18.19
C ALA B 7 8.32 -20.30 17.49
N GLU B 8 7.30 -19.93 18.26
CA GLU B 8 6.08 -19.42 17.65
C GLU B 8 6.32 -18.10 16.93
N ASP B 9 7.20 -17.25 17.47
CA ASP B 9 7.54 -16.02 16.77
C ASP B 9 8.31 -16.31 15.48
N LYS B 10 9.20 -17.31 15.51
CA LYS B 10 9.88 -17.74 14.30
C LYS B 10 8.87 -18.16 13.23
N ALA B 11 7.91 -18.99 13.63
CA ALA B 11 6.91 -19.48 12.68
C ALA B 11 6.01 -18.37 12.18
N ALA B 12 5.67 -17.41 13.05
CA ALA B 12 4.85 -16.28 12.62
C ALA B 12 5.61 -15.40 11.63
N ALA B 13 6.90 -15.20 11.86
CA ALA B 13 7.71 -14.44 10.91
C ALA B 13 7.78 -15.18 9.58
N GLU B 14 7.93 -16.50 9.61
CA GLU B 14 7.93 -17.28 8.37
C GLU B 14 6.61 -17.15 7.64
N ARG B 15 5.49 -17.19 8.38
CA ARG B 15 4.18 -17.00 7.77
C ARG B 15 4.07 -15.63 7.13
N SER B 16 4.57 -14.59 7.80
CA SER B 16 4.52 -13.26 7.23
C SER B 16 5.39 -13.16 5.98
N LYS B 17 6.54 -13.83 5.98
CA LYS B 17 7.36 -13.89 4.77
C LYS B 17 6.62 -14.54 3.63
N MET B 18 5.91 -15.64 3.91
CA MET B 18 5.14 -16.32 2.86
C MET B 18 4.01 -15.44 2.36
N ILE B 19 3.36 -14.70 3.26
CA ILE B 19 2.30 -13.79 2.84
C ILE B 19 2.88 -12.68 1.98
N ASP B 20 4.05 -12.16 2.34
CA ASP B 20 4.70 -11.14 1.53
C ASP B 20 5.06 -11.70 0.15
N LYS B 21 5.52 -12.94 0.09
CA LYS B 21 5.82 -13.58 -1.19
C LYS B 21 4.57 -13.68 -2.06
N ASN B 22 3.46 -14.10 -1.46
CA ASN B 22 2.22 -14.21 -2.23
C ASN B 22 1.74 -12.85 -2.71
N LEU B 23 1.85 -11.83 -1.84
CA LEU B 23 1.47 -10.47 -2.25
C LEU B 23 2.36 -9.97 -3.37
N ARG B 24 3.67 -10.24 -3.28
CA ARG B 24 4.59 -9.86 -4.35
C ARG B 24 4.19 -10.51 -5.67
N GLU B 25 3.91 -11.81 -5.64
CA GLU B 25 3.56 -12.52 -6.86
C GLU B 25 2.25 -11.97 -7.45
N ASP B 26 1.24 -11.78 -6.60
CA ASP B 26 -0.05 -11.29 -7.08
C ASP B 26 0.07 -9.87 -7.65
N GLY B 27 0.81 -9.00 -6.97
CA GLY B 27 0.99 -7.65 -7.47
C GLY B 27 1.79 -7.61 -8.75
N GLU B 28 2.81 -8.47 -8.86
CA GLU B 28 3.57 -8.57 -10.10
C GLU B 28 2.68 -8.99 -11.25
N LYS B 29 1.79 -9.97 -11.00
CA LYS B 29 0.87 -10.40 -12.04
C LYS B 29 -0.14 -9.32 -12.40
N ALA B 30 -0.62 -8.57 -11.40
CA ALA B 30 -1.69 -7.61 -11.62
C ALA B 30 -1.27 -6.37 -12.38
N ARG B 31 0.03 -6.08 -12.47
CA ARG B 31 0.47 -4.87 -13.16
C ARG B 31 0.42 -5.01 -14.67
N ARG B 32 0.46 -6.23 -15.20
CA ARG B 32 0.58 -6.41 -16.67
C ARG B 32 -0.54 -5.68 -17.44
N THR B 33 -1.75 -5.61 -16.89
CA THR B 33 -2.88 -5.06 -17.63
C THR B 33 -3.00 -3.55 -17.43
N LEU B 34 -3.56 -2.90 -18.44
CA LEU B 34 -3.78 -1.46 -18.45
C LEU B 34 -5.22 -1.17 -18.06
N ARG B 35 -5.45 0.06 -17.59
CA ARG B 35 -6.73 0.45 -16.99
C ARG B 35 -7.25 1.70 -17.67
N LEU B 36 -8.57 1.71 -17.91
CA LEU B 36 -9.24 2.81 -18.60
C LEU B 36 -10.53 3.14 -17.86
N LEU B 37 -10.92 4.41 -17.90
CA LEU B 37 -12.13 4.90 -17.28
C LEU B 37 -13.00 5.54 -18.36
N LEU B 38 -14.12 4.89 -18.68
CA LEU B 38 -15.04 5.35 -19.71
C LEU B 38 -16.18 6.09 -19.03
N LEU B 39 -16.48 7.30 -19.49
CA LEU B 39 -17.56 8.09 -18.93
C LEU B 39 -18.10 9.05 -19.98
N GLY B 40 -19.40 9.28 -19.95
CA GLY B 40 -20.04 10.23 -20.83
C GLY B 40 -21.28 10.79 -20.18
N ALA B 41 -21.73 11.94 -20.69
CA ALA B 41 -22.87 12.61 -20.09
C ALA B 41 -24.14 11.77 -20.16
N ASP B 42 -24.65 11.55 -21.38
CA ASP B 42 -25.84 10.76 -21.62
C ASP B 42 -26.04 10.74 -23.14
N ASN B 43 -26.94 9.85 -23.59
CA ASN B 43 -27.37 9.71 -24.99
C ASN B 43 -26.20 9.73 -25.97
N SER B 44 -25.05 9.18 -25.55
CA SER B 44 -23.84 9.16 -26.36
C SER B 44 -23.46 7.78 -26.86
N GLY B 45 -24.16 6.73 -26.45
CA GLY B 45 -23.81 5.39 -26.88
C GLY B 45 -22.44 4.95 -26.41
N LYS B 46 -22.06 5.34 -25.19
CA LYS B 46 -20.76 4.96 -24.66
C LYS B 46 -20.64 3.45 -24.45
N SER B 47 -21.76 2.74 -24.31
CA SER B 47 -21.71 1.30 -24.17
C SER B 47 -21.21 0.61 -25.44
N THR B 48 -21.60 1.13 -26.60
CA THR B 48 -21.33 0.48 -27.89
C THR B 48 -20.00 0.91 -28.50
N ILE B 49 -19.09 1.44 -27.69
CA ILE B 49 -17.79 1.84 -28.21
C ILE B 49 -17.01 0.62 -28.71
N VAL B 50 -16.97 -0.44 -27.91
CA VAL B 50 -16.36 -1.70 -28.27
C VAL B 50 -17.39 -2.79 -28.01
N LYS B 51 -17.71 -3.57 -29.04
CA LYS B 51 -18.75 -4.58 -28.98
C LYS B 51 -18.31 -5.96 -29.44
N GLN B 52 -17.30 -6.04 -30.32
CA GLN B 52 -16.82 -7.35 -30.75
C GLN B 52 -16.23 -8.15 -29.60
N MET B 53 -15.47 -7.47 -28.73
CA MET B 53 -14.80 -8.10 -27.59
C MET B 53 -15.49 -7.66 -26.30
N ARG B 54 -15.80 -8.63 -25.45
CA ARG B 54 -16.42 -8.33 -24.15
C ARG B 54 -16.32 -9.55 -23.25
N THR B 66 -24.04 -5.93 -8.61
CA THR B 66 -22.92 -5.13 -9.08
C THR B 66 -23.41 -3.91 -9.86
N SER B 67 -24.47 -3.27 -9.33
CA SER B 67 -25.04 -2.11 -10.00
C SER B 67 -24.10 -0.91 -9.95
N GLY B 68 -23.31 -0.78 -8.88
CA GLY B 68 -22.47 0.39 -8.73
C GLY B 68 -21.37 0.49 -9.78
N ILE B 69 -20.82 -0.65 -10.19
CA ILE B 69 -19.66 -0.72 -11.06
C ILE B 69 -20.00 -1.60 -12.27
N PHE B 70 -19.55 -1.17 -13.44
CA PHE B 70 -19.63 -1.96 -14.67
C PHE B 70 -18.22 -2.19 -15.19
N GLU B 71 -17.95 -3.41 -15.63
CA GLU B 71 -16.62 -3.84 -16.03
C GLU B 71 -16.66 -4.38 -17.44
N THR B 72 -15.56 -4.18 -18.17
CA THR B 72 -15.42 -4.71 -19.52
C THR B 72 -13.95 -5.00 -19.77
N LYS B 73 -13.66 -6.20 -20.26
CA LYS B 73 -12.30 -6.67 -20.50
C LYS B 73 -12.16 -7.07 -21.97
N PHE B 74 -11.17 -6.49 -22.64
CA PHE B 74 -10.88 -6.80 -24.03
C PHE B 74 -9.38 -6.77 -24.25
N GLN B 75 -8.94 -7.55 -25.24
CA GLN B 75 -7.52 -7.71 -25.55
C GLN B 75 -7.28 -7.33 -27.02
N VAL B 76 -6.17 -6.66 -27.27
CA VAL B 76 -5.71 -6.39 -28.63
C VAL B 76 -4.18 -6.51 -28.65
N ASP B 77 -3.68 -7.41 -29.50
CA ASP B 77 -2.25 -7.67 -29.62
C ASP B 77 -1.67 -8.03 -28.25
N LYS B 78 -2.32 -9.01 -27.60
CA LYS B 78 -1.79 -9.59 -26.37
C LYS B 78 -1.74 -8.63 -25.18
N VAL B 79 -2.39 -7.48 -25.29
CA VAL B 79 -2.42 -6.50 -24.19
C VAL B 79 -3.83 -6.44 -23.62
N ASN B 80 -3.95 -6.57 -22.30
CA ASN B 80 -5.23 -6.58 -21.61
C ASN B 80 -5.62 -5.18 -21.19
N PHE B 81 -6.88 -4.82 -21.43
CA PHE B 81 -7.46 -3.55 -20.99
C PHE B 81 -8.68 -3.84 -20.13
N HIS B 82 -8.77 -3.16 -18.98
CA HIS B 82 -9.98 -3.12 -18.17
C HIS B 82 -10.60 -1.74 -18.28
N MET B 83 -11.79 -1.68 -18.87
CA MET B 83 -12.53 -0.43 -19.06
C MET B 83 -13.63 -0.37 -18.03
N PHE B 84 -13.61 0.67 -17.20
CA PHE B 84 -14.48 0.79 -16.05
C PHE B 84 -15.54 1.87 -16.31
N ASP B 85 -16.80 1.47 -16.26
CA ASP B 85 -17.93 2.38 -16.43
C ASP B 85 -18.81 2.29 -15.19
N VAL B 86 -19.23 3.45 -14.69
CA VAL B 86 -20.07 3.55 -13.51
C VAL B 86 -21.38 4.22 -13.92
N GLY B 87 -22.49 3.50 -13.73
CA GLY B 87 -23.82 4.00 -14.08
C GLY B 87 -24.77 4.10 -12.90
N GLY B 88 -24.33 3.69 -11.71
CA GLY B 88 -25.16 3.70 -10.52
C GLY B 88 -24.98 4.89 -9.61
N GLN B 89 -24.34 5.97 -10.08
CA GLN B 89 -24.06 7.15 -9.29
C GLN B 89 -24.93 8.31 -9.74
N ARG B 90 -24.92 9.36 -8.93
CA ARG B 90 -25.71 10.56 -9.17
C ARG B 90 -24.98 11.45 -10.18
N ASP B 91 -25.54 12.64 -10.44
CA ASP B 91 -24.92 13.55 -11.39
C ASP B 91 -23.62 14.13 -10.86
N GLU B 92 -23.53 14.32 -9.55
CA GLU B 92 -22.37 14.91 -8.91
C GLU B 92 -21.35 13.81 -8.61
N ARG B 93 -20.19 13.86 -9.25
CA ARG B 93 -19.20 12.78 -9.23
C ARG B 93 -17.85 13.23 -8.70
N ARG B 94 -17.81 14.26 -7.87
CA ARG B 94 -16.51 14.80 -7.43
C ARG B 94 -15.85 13.97 -6.34
N LYS B 95 -16.55 13.01 -5.74
CA LYS B 95 -16.05 12.27 -4.59
C LYS B 95 -15.59 10.85 -4.92
N TRP B 96 -16.26 10.16 -5.85
CA TRP B 96 -15.81 8.83 -6.28
C TRP B 96 -14.83 8.87 -7.45
N ILE B 97 -14.48 10.07 -7.94
CA ILE B 97 -13.50 10.19 -9.02
C ILE B 97 -12.08 10.31 -8.50
N GLN B 98 -11.88 10.53 -7.20
CA GLN B 98 -10.52 10.55 -6.65
C GLN B 98 -9.84 9.20 -6.79
N CYS B 99 -10.60 8.11 -6.85
CA CYS B 99 -10.01 6.79 -6.99
C CYS B 99 -9.29 6.64 -8.32
N PHE B 100 -9.87 7.19 -9.39
CA PHE B 100 -9.33 7.04 -10.74
C PHE B 100 -8.34 8.16 -11.02
N ASN B 101 -7.14 8.00 -10.45
CA ASN B 101 -6.03 8.91 -10.69
C ASN B 101 -4.79 8.21 -11.21
N ASP B 102 -4.73 6.88 -11.15
CA ASP B 102 -3.62 6.11 -11.70
C ASP B 102 -3.99 5.33 -12.96
N VAL B 103 -5.20 5.54 -13.49
CA VAL B 103 -5.62 4.87 -14.72
C VAL B 103 -4.80 5.42 -15.88
N THR B 104 -4.70 4.65 -16.96
CA THR B 104 -3.93 5.08 -18.11
C THR B 104 -4.54 6.32 -18.76
N ALA B 105 -5.84 6.29 -19.02
CA ALA B 105 -6.49 7.39 -19.74
C ALA B 105 -8.00 7.30 -19.52
N ILE B 106 -8.62 8.47 -19.50
CA ILE B 106 -10.07 8.59 -19.45
C ILE B 106 -10.60 8.64 -20.86
N ILE B 107 -11.69 7.93 -21.12
CA ILE B 107 -12.36 7.94 -22.42
C ILE B 107 -13.63 8.77 -22.26
N PHE B 108 -13.75 9.81 -23.10
CA PHE B 108 -14.90 10.71 -23.10
C PHE B 108 -15.65 10.53 -24.41
N VAL B 109 -16.96 10.31 -24.32
CA VAL B 109 -17.82 10.11 -25.47
C VAL B 109 -18.94 11.13 -25.42
N VAL B 110 -19.16 11.83 -26.53
CA VAL B 110 -20.22 12.81 -26.66
C VAL B 110 -20.93 12.56 -27.98
N ASP B 111 -22.21 12.96 -28.03
CA ASP B 111 -23.03 12.83 -29.22
C ASP B 111 -23.18 14.21 -29.85
N SER B 112 -22.52 14.42 -30.99
CA SER B 112 -22.61 15.67 -31.72
C SER B 112 -23.91 15.79 -32.51
N SER B 113 -24.72 14.74 -32.57
CA SER B 113 -25.99 14.83 -33.27
C SER B 113 -26.93 15.83 -32.63
N ASP B 114 -27.00 15.82 -31.29
CA ASP B 114 -27.90 16.70 -30.56
C ASP B 114 -27.17 17.99 -30.21
N TYR B 115 -27.60 19.10 -30.83
CA TYR B 115 -27.00 20.40 -30.59
C TYR B 115 -27.57 21.10 -29.36
N ASN B 116 -28.73 20.70 -28.88
CA ASN B 116 -29.37 21.39 -27.76
C ASN B 116 -28.57 21.24 -26.47
N ARG B 117 -27.84 20.12 -26.31
CA ARG B 117 -27.10 19.82 -25.09
C ARG B 117 -25.60 19.68 -25.36
N LEU B 118 -25.09 20.37 -26.39
CA LEU B 118 -23.65 20.40 -26.59
C LEU B 118 -22.95 21.19 -25.50
N GLN B 119 -23.55 22.29 -25.06
CA GLN B 119 -22.91 23.13 -24.05
C GLN B 119 -22.75 22.37 -22.73
N GLU B 120 -23.70 21.49 -22.42
CA GLU B 120 -23.57 20.68 -21.21
C GLU B 120 -22.35 19.77 -21.28
N ALA B 121 -22.15 19.11 -22.43
CA ALA B 121 -20.99 18.23 -22.58
C ALA B 121 -19.70 19.03 -22.58
N LEU B 122 -19.71 20.23 -23.17
CA LEU B 122 -18.53 21.08 -23.15
C LEU B 122 -18.18 21.49 -21.72
N ASN B 123 -19.19 21.85 -20.93
CA ASN B 123 -18.95 22.20 -19.53
C ASN B 123 -18.44 20.99 -18.75
N ASP B 124 -18.98 19.81 -19.06
CA ASP B 124 -18.50 18.59 -18.40
C ASP B 124 -17.04 18.34 -18.73
N PHE B 125 -16.66 18.56 -19.99
CA PHE B 125 -15.26 18.44 -20.38
C PHE B 125 -14.41 19.48 -19.67
N LYS B 126 -14.91 20.71 -19.52
CA LYS B 126 -14.19 21.70 -18.74
C LYS B 126 -13.94 21.21 -17.31
N SER B 127 -14.98 20.67 -16.69
CA SER B 127 -14.86 20.24 -15.30
C SER B 127 -13.87 19.09 -15.16
N ILE B 128 -13.88 18.15 -16.11
CA ILE B 128 -12.97 17.00 -15.99
C ILE B 128 -11.55 17.40 -16.35
N TRP B 129 -11.38 18.35 -17.27
CA TRP B 129 -10.04 18.81 -17.63
C TRP B 129 -9.42 19.56 -16.46
N ASN B 130 -10.17 20.46 -15.83
CA ASN B 130 -9.65 21.32 -14.77
C ASN B 130 -9.76 20.69 -13.39
N ASN B 131 -9.92 19.38 -13.29
CA ASN B 131 -9.98 18.73 -12.00
C ASN B 131 -8.61 18.81 -11.32
N ARG B 132 -8.63 18.73 -9.99
CA ARG B 132 -7.40 18.85 -9.21
C ARG B 132 -6.69 17.52 -9.05
N TRP B 133 -7.42 16.41 -9.07
CA TRP B 133 -6.83 15.08 -8.97
C TRP B 133 -6.49 14.48 -10.32
N LEU B 134 -6.86 15.12 -11.43
CA LEU B 134 -6.62 14.63 -12.77
C LEU B 134 -5.70 15.57 -13.56
N ARG B 135 -4.67 16.09 -12.89
CA ARG B 135 -3.66 16.93 -13.53
C ARG B 135 -2.57 16.13 -14.22
N THR B 136 -2.64 14.79 -14.20
CA THR B 136 -1.66 13.94 -14.87
C THR B 136 -2.27 12.90 -15.78
N ILE B 137 -3.60 12.83 -15.91
CA ILE B 137 -4.27 11.87 -16.77
C ILE B 137 -4.62 12.56 -18.08
N SER B 138 -4.29 11.90 -19.19
CA SER B 138 -4.70 12.36 -20.51
C SER B 138 -6.05 11.73 -20.87
N VAL B 139 -6.81 12.44 -21.70
CA VAL B 139 -8.16 12.08 -22.05
C VAL B 139 -8.22 11.70 -23.52
N ILE B 140 -8.96 10.64 -23.82
CA ILE B 140 -9.23 10.22 -25.19
C ILE B 140 -10.66 10.59 -25.53
N LEU B 141 -10.82 11.56 -26.43
CA LEU B 141 -12.12 12.14 -26.74
C LEU B 141 -12.72 11.45 -27.95
N PHE B 142 -13.99 11.06 -27.82
CA PHE B 142 -14.75 10.41 -28.88
C PHE B 142 -15.95 11.29 -29.24
N LEU B 143 -16.19 11.43 -30.54
CA LEU B 143 -17.28 12.22 -31.07
C LEU B 143 -18.23 11.28 -31.81
N ASN B 144 -19.21 10.75 -31.09
CA ASN B 144 -20.04 9.65 -31.58
C ASN B 144 -21.14 10.15 -32.49
N LYS B 145 -21.72 9.20 -33.24
CA LYS B 145 -22.92 9.42 -34.05
C LYS B 145 -22.71 10.54 -35.08
N GLN B 146 -21.69 10.34 -35.91
CA GLN B 146 -21.43 11.30 -36.98
C GLN B 146 -22.38 11.11 -38.16
N ASP B 147 -22.93 9.90 -38.33
CA ASP B 147 -23.89 9.69 -39.41
C ASP B 147 -25.13 10.54 -39.22
N LEU B 148 -25.67 10.56 -37.99
CA LEU B 148 -26.86 11.36 -37.71
C LEU B 148 -26.57 12.84 -37.89
N LEU B 149 -25.37 13.28 -37.51
CA LEU B 149 -24.97 14.66 -37.77
C LEU B 149 -24.96 14.95 -39.26
N ALA B 150 -24.46 14.00 -40.06
CA ALA B 150 -24.45 14.19 -41.51
C ALA B 150 -25.87 14.32 -42.06
N GLU B 151 -26.79 13.46 -41.62
CA GLU B 151 -28.16 13.55 -42.13
C GLU B 151 -28.80 14.86 -41.68
N LYS B 152 -28.56 15.27 -40.44
CA LYS B 152 -29.17 16.50 -39.94
C LYS B 152 -28.67 17.72 -40.71
N VAL B 153 -27.36 17.80 -40.96
CA VAL B 153 -26.83 18.96 -41.65
C VAL B 153 -27.22 18.94 -43.13
N LEU B 154 -27.34 17.75 -43.71
CA LEU B 154 -27.80 17.67 -45.11
C LEU B 154 -29.29 17.98 -45.24
N ALA B 155 -30.07 17.75 -44.20
CA ALA B 155 -31.50 18.09 -44.26
C ALA B 155 -31.70 19.59 -44.44
N GLY B 156 -30.89 20.40 -43.77
CA GLY B 156 -31.01 21.83 -43.87
C GLY B 156 -32.07 22.46 -42.99
N LYS B 157 -32.63 21.69 -42.04
CA LYS B 157 -33.63 22.22 -41.13
C LYS B 157 -32.97 22.97 -39.97
N SER B 158 -32.09 22.31 -39.23
CA SER B 158 -31.41 22.95 -38.12
C SER B 158 -30.33 23.90 -38.63
N LYS B 159 -30.14 24.98 -37.88
CA LYS B 159 -29.13 25.99 -38.18
C LYS B 159 -28.19 26.15 -36.99
N ILE B 160 -26.90 26.23 -37.28
CA ILE B 160 -25.90 26.30 -36.22
C ILE B 160 -25.72 27.73 -35.70
N GLU B 161 -26.05 28.74 -36.51
CA GLU B 161 -25.91 30.11 -36.07
C GLU B 161 -26.81 30.43 -34.88
N ASP B 162 -27.95 29.76 -34.78
CA ASP B 162 -28.86 30.00 -33.66
C ASP B 162 -28.21 29.63 -32.33
N TYR B 163 -27.51 28.50 -32.29
CA TYR B 163 -26.80 28.06 -31.09
C TYR B 163 -25.41 28.66 -30.97
N PHE B 164 -24.64 28.63 -32.05
CA PHE B 164 -23.25 29.10 -32.05
C PHE B 164 -23.12 30.26 -33.03
N PRO B 165 -23.13 31.53 -32.58
CA PRO B 165 -22.98 32.64 -33.54
C PRO B 165 -21.65 32.65 -34.27
N GLU B 166 -20.62 32.00 -33.73
CA GLU B 166 -19.29 32.00 -34.34
C GLU B 166 -19.21 31.09 -35.57
N PHE B 167 -20.21 30.24 -35.81
CA PHE B 167 -20.18 29.40 -37.00
C PHE B 167 -20.50 30.18 -38.27
N ALA B 168 -21.25 31.28 -38.18
CA ALA B 168 -21.61 32.04 -39.37
C ALA B 168 -20.38 32.58 -40.06
N ARG B 169 -19.42 33.10 -39.30
CA ARG B 169 -18.13 33.56 -39.82
C ARG B 169 -17.07 32.58 -39.32
N TYR B 170 -16.68 31.65 -40.18
CA TYR B 170 -15.69 30.63 -39.86
C TYR B 170 -14.66 30.56 -40.98
N THR B 171 -13.42 30.29 -40.60
CA THR B 171 -12.32 30.21 -41.55
C THR B 171 -12.33 28.86 -42.25
N THR B 172 -12.10 28.88 -43.55
CA THR B 172 -12.09 27.64 -44.32
C THR B 172 -10.90 26.79 -43.89
N PRO B 173 -11.09 25.50 -43.53
CA PRO B 173 -9.92 24.68 -43.13
C PRO B 173 -9.14 24.17 -44.34
N GLU B 174 -8.54 25.10 -45.08
CA GLU B 174 -7.80 24.73 -46.29
C GLU B 174 -6.58 23.89 -45.95
N ASP B 175 -5.83 24.27 -44.91
CA ASP B 175 -4.63 23.53 -44.55
C ASP B 175 -4.98 22.11 -44.09
N ALA B 176 -6.03 21.96 -43.29
CA ALA B 176 -6.43 20.64 -42.83
C ALA B 176 -6.92 19.80 -43.99
N THR B 177 -6.44 18.55 -44.05
CA THR B 177 -6.77 17.65 -45.14
C THR B 177 -8.11 16.99 -44.83
N PRO B 178 -9.10 17.05 -45.73
CA PRO B 178 -10.38 16.38 -45.44
C PRO B 178 -10.34 14.92 -45.89
N GLU B 179 -11.38 14.19 -45.51
CA GLU B 179 -11.52 12.82 -45.98
C GLU B 179 -11.76 12.84 -47.49
N PRO B 180 -11.22 11.86 -48.25
CA PRO B 180 -11.33 11.95 -49.71
C PRO B 180 -12.74 11.69 -50.19
N GLY B 181 -13.43 12.77 -50.55
CA GLY B 181 -14.82 12.70 -50.99
C GLY B 181 -15.76 12.92 -49.82
N GLU B 182 -16.32 14.12 -49.72
CA GLU B 182 -17.21 14.47 -48.62
C GLU B 182 -17.82 15.83 -48.90
N ASP B 183 -18.81 16.19 -48.10
CA ASP B 183 -19.47 17.47 -48.28
C ASP B 183 -18.70 18.57 -47.56
N PRO B 184 -18.40 19.71 -48.21
CA PRO B 184 -17.68 20.78 -47.49
C PRO B 184 -18.42 21.32 -46.27
N ARG B 185 -19.75 21.41 -46.30
CA ARG B 185 -20.48 21.90 -45.13
C ARG B 185 -20.36 20.93 -43.97
N VAL B 186 -20.44 19.62 -44.25
CA VAL B 186 -20.25 18.61 -43.21
C VAL B 186 -18.86 18.70 -42.63
N THR B 187 -17.85 18.85 -43.50
CA THR B 187 -16.48 18.95 -43.02
C THR B 187 -16.30 20.20 -42.16
N ARG B 188 -16.88 21.32 -42.59
CA ARG B 188 -16.80 22.56 -41.83
C ARG B 188 -17.43 22.39 -40.45
N ALA B 189 -18.61 21.77 -40.39
CA ALA B 189 -19.30 21.62 -39.12
C ALA B 189 -18.53 20.70 -38.17
N LYS B 190 -18.07 19.56 -38.66
CA LYS B 190 -17.39 18.61 -37.77
C LYS B 190 -16.04 19.16 -37.31
N TYR B 191 -15.30 19.83 -38.20
CA TYR B 191 -14.06 20.46 -37.77
C TYR B 191 -14.32 21.59 -36.79
N PHE B 192 -15.44 22.32 -36.96
CA PHE B 192 -15.77 23.38 -36.00
C PHE B 192 -16.02 22.79 -34.62
N ILE B 193 -16.78 21.69 -34.55
CA ILE B 193 -17.07 21.06 -33.26
C ILE B 193 -15.77 20.57 -32.64
N ARG B 194 -14.92 19.90 -33.43
CA ARG B 194 -13.68 19.37 -32.92
C ARG B 194 -12.76 20.48 -32.43
N LYS B 195 -12.70 21.59 -33.17
CA LYS B 195 -11.89 22.73 -32.74
C LYS B 195 -12.45 23.38 -31.50
N GLU B 196 -13.78 23.38 -31.33
CA GLU B 196 -14.36 23.89 -30.10
C GLU B 196 -13.92 23.06 -28.91
N PHE B 197 -13.90 21.73 -29.07
CA PHE B 197 -13.38 20.88 -28.00
C PHE B 197 -11.89 21.13 -27.76
N VAL B 198 -11.11 21.24 -28.84
CA VAL B 198 -9.66 21.36 -28.71
C VAL B 198 -9.28 22.70 -28.09
N ASP B 199 -10.09 23.74 -28.32
CA ASP B 199 -9.79 25.03 -27.71
C ASP B 199 -9.82 24.94 -26.19
N ILE B 200 -10.83 24.26 -25.64
CA ILE B 200 -10.87 24.04 -24.20
C ILE B 200 -9.74 23.10 -23.78
N SER B 201 -9.40 22.16 -24.65
CA SER B 201 -8.31 21.25 -24.32
C SER B 201 -7.00 22.00 -24.12
N THR B 202 -6.72 22.99 -24.98
CA THR B 202 -5.46 23.71 -24.99
C THR B 202 -5.50 25.05 -24.26
N ALA B 203 -6.67 25.46 -23.75
CA ALA B 203 -6.76 26.76 -23.08
C ALA B 203 -5.88 26.80 -21.83
N SER B 204 -5.80 25.68 -21.11
CA SER B 204 -4.93 25.64 -19.94
C SER B 204 -3.47 25.86 -20.32
N GLY B 205 -3.03 25.27 -21.43
CA GLY B 205 -1.66 25.46 -21.88
C GLY B 205 -0.62 24.91 -20.93
N ASP B 206 -0.99 23.94 -20.09
CA ASP B 206 -0.04 23.37 -19.15
C ASP B 206 0.94 22.44 -19.86
N GLY B 207 0.45 21.61 -20.78
CA GLY B 207 1.28 20.67 -21.50
C GLY B 207 1.58 19.37 -20.79
N ARG B 208 1.13 19.23 -19.53
CA ARG B 208 1.38 17.99 -18.80
C ARG B 208 0.66 16.81 -19.44
N HIS B 209 -0.58 17.02 -19.90
CA HIS B 209 -1.37 16.00 -20.54
C HIS B 209 -2.13 16.63 -21.70
N ILE B 210 -2.54 15.78 -22.65
CA ILE B 210 -3.13 16.24 -23.91
C ILE B 210 -4.40 15.44 -24.17
N CYS B 211 -5.10 15.83 -25.22
CA CYS B 211 -6.36 15.22 -25.63
C CYS B 211 -6.19 14.56 -27.00
N TYR B 212 -6.93 13.48 -27.21
CA TYR B 212 -6.85 12.66 -28.42
C TYR B 212 -8.23 12.59 -29.06
N PRO B 213 -8.59 13.55 -29.91
CA PRO B 213 -9.92 13.50 -30.53
C PRO B 213 -10.02 12.41 -31.59
N HIS B 214 -11.22 11.86 -31.70
CA HIS B 214 -11.50 10.82 -32.68
C HIS B 214 -12.96 10.96 -33.13
N PHE B 215 -13.20 10.61 -34.39
CA PHE B 215 -14.53 10.61 -34.98
C PHE B 215 -15.01 9.16 -35.09
N THR B 216 -16.21 8.91 -34.60
CA THR B 216 -16.73 7.54 -34.46
C THR B 216 -18.05 7.41 -35.19
N CYS B 217 -18.20 6.30 -35.91
CA CYS B 217 -19.42 5.95 -36.61
C CYS B 217 -20.33 5.15 -35.68
N ALA B 218 -21.61 5.09 -36.03
CA ALA B 218 -22.55 4.28 -35.24
C ALA B 218 -22.17 2.81 -35.29
N VAL B 219 -21.83 2.31 -36.48
CA VAL B 219 -21.35 0.95 -36.67
C VAL B 219 -19.89 1.08 -37.09
N ASP B 220 -18.98 0.79 -36.15
CA ASP B 220 -17.55 0.85 -36.40
C ASP B 220 -16.92 -0.41 -35.83
N THR B 221 -16.42 -1.27 -36.72
CA THR B 221 -15.87 -2.55 -36.27
C THR B 221 -14.64 -2.38 -35.40
N GLU B 222 -13.76 -1.44 -35.75
CA GLU B 222 -12.48 -1.27 -35.06
C GLU B 222 -12.52 -0.01 -34.22
N ASN B 223 -12.44 -0.18 -32.90
CA ASN B 223 -12.24 0.91 -31.96
C ASN B 223 -11.18 0.62 -30.91
N ALA B 224 -10.87 -0.65 -30.65
CA ALA B 224 -9.81 -0.99 -29.71
C ALA B 224 -8.44 -0.64 -30.24
N ARG B 225 -8.25 -0.71 -31.57
CA ARG B 225 -6.97 -0.33 -32.15
C ARG B 225 -6.66 1.15 -31.90
N ARG B 226 -7.68 2.01 -31.99
CA ARG B 226 -7.48 3.42 -31.71
C ARG B 226 -7.02 3.63 -30.27
N ILE B 227 -7.70 2.98 -29.31
CA ILE B 227 -7.33 3.12 -27.91
C ILE B 227 -5.93 2.57 -27.68
N PHE B 228 -5.57 1.50 -28.37
CA PHE B 228 -4.23 0.94 -28.23
C PHE B 228 -3.17 1.92 -28.73
N ASN B 229 -3.41 2.53 -29.89
CA ASN B 229 -2.44 3.46 -30.46
C ASN B 229 -2.37 4.78 -29.71
N ASP B 230 -3.40 5.14 -28.95
CA ASP B 230 -3.30 6.29 -28.05
C ASP B 230 -2.67 5.96 -26.71
N CYS B 231 -2.92 4.77 -26.17
CA CYS B 231 -2.27 4.37 -24.91
C CYS B 231 -0.78 4.14 -25.12
N LYS B 232 -0.40 3.60 -26.28
CA LYS B 232 1.03 3.46 -26.60
C LYS B 232 1.69 4.83 -26.65
N ASP B 233 1.03 5.82 -27.27
CA ASP B 233 1.56 7.17 -27.30
C ASP B 233 1.66 7.76 -25.90
N ILE B 234 0.66 7.49 -25.06
CA ILE B 234 0.68 8.01 -23.69
C ILE B 234 1.86 7.45 -22.93
N ILE B 235 2.08 6.14 -23.02
CA ILE B 235 3.17 5.51 -22.29
C ILE B 235 4.52 5.96 -22.86
N LEU B 236 4.61 6.12 -24.18
CA LEU B 236 5.84 6.62 -24.79
C LEU B 236 6.16 8.02 -24.30
N GLN B 237 5.14 8.88 -24.21
CA GLN B 237 5.37 10.23 -23.72
C GLN B 237 5.78 10.22 -22.26
N MET B 238 5.18 9.34 -21.45
CA MET B 238 5.60 9.23 -20.06
C MET B 238 7.05 8.79 -19.94
N ASN B 239 7.45 7.81 -20.76
CA ASN B 239 8.84 7.36 -20.74
C ASN B 239 9.79 8.46 -21.17
N LEU B 240 9.41 9.21 -22.21
CA LEU B 240 10.25 10.33 -22.66
C LEU B 240 10.41 11.36 -21.56
N ARG B 241 9.32 11.67 -20.86
CA ARG B 241 9.40 12.65 -19.78
C ARG B 241 10.26 12.14 -18.63
N GLU B 242 10.12 10.87 -18.26
CA GLU B 242 10.83 10.33 -17.12
C GLU B 242 12.30 10.04 -17.41
N TYR B 243 12.68 9.90 -18.67
CA TYR B 243 14.08 9.66 -19.04
C TYR B 243 14.87 10.97 -19.22
N ASN B 244 14.29 12.12 -18.87
CA ASN B 244 14.94 13.41 -18.96
C ASN B 244 15.22 13.83 -20.41
N LEU B 245 14.51 13.25 -21.37
CA LEU B 245 14.62 13.66 -22.77
C LEU B 245 13.67 14.79 -23.13
N VAL B 246 12.83 15.24 -22.21
CA VAL B 246 11.93 16.37 -22.45
C VAL B 246 11.86 17.24 -21.20
N GLU C 21 -50.99 27.38 0.11
CA GLU C 21 -50.94 26.30 1.10
C GLU C 21 -49.50 26.07 1.54
N LEU C 22 -48.65 25.70 0.59
CA LEU C 22 -47.25 25.46 0.90
C LEU C 22 -46.54 26.75 1.36
N ASP C 23 -47.02 27.90 0.90
CA ASP C 23 -46.43 29.17 1.34
C ASP C 23 -46.61 29.37 2.83
N GLN C 24 -47.77 29.00 3.37
CA GLN C 24 -47.98 29.10 4.82
C GLN C 24 -47.04 28.17 5.56
N LEU C 25 -46.83 26.95 5.05
CA LEU C 25 -45.91 26.03 5.68
C LEU C 25 -44.48 26.58 5.66
N ARG C 26 -44.07 27.18 4.55
CA ARG C 26 -42.73 27.78 4.47
C ARG C 26 -42.60 28.94 5.45
N GLN C 27 -43.65 29.77 5.56
CA GLN C 27 -43.61 30.88 6.50
C GLN C 27 -43.48 30.38 7.94
N GLU C 28 -44.25 29.35 8.29
CA GLU C 28 -44.15 28.78 9.63
C GLU C 28 -42.78 28.18 9.88
N ALA C 29 -42.22 27.49 8.88
CA ALA C 29 -40.89 26.92 9.03
C ALA C 29 -39.84 27.99 9.24
N GLU C 30 -39.93 29.09 8.48
CA GLU C 30 -38.97 30.17 8.66
C GLU C 30 -39.11 30.82 10.03
N GLN C 31 -40.34 31.03 10.50
CA GLN C 31 -40.56 31.61 11.81
C GLN C 31 -39.99 30.72 12.90
N LEU C 32 -40.22 29.40 12.78
CA LEU C 32 -39.71 28.47 13.79
C LEU C 32 -38.19 28.39 13.73
N LYS C 33 -37.61 28.49 12.54
CA LYS C 33 -36.15 28.51 12.43
C LYS C 33 -35.57 29.74 13.11
N ASN C 34 -36.20 30.89 12.91
CA ASN C 34 -35.76 32.09 13.61
C ASN C 34 -35.89 31.93 15.12
N GLN C 35 -36.99 31.31 15.58
CA GLN C 35 -37.16 31.06 17.01
C GLN C 35 -36.06 30.16 17.54
N ILE C 36 -35.72 29.09 16.81
CA ILE C 36 -34.68 28.17 17.25
C ILE C 36 -33.34 28.87 17.30
N ARG C 37 -33.04 29.69 16.28
CA ARG C 37 -31.76 30.42 16.29
C ARG C 37 -31.69 31.38 17.46
N ASP C 38 -32.78 32.10 17.75
CA ASP C 38 -32.78 33.01 18.88
C ASP C 38 -32.60 32.27 20.20
N ALA C 39 -33.29 31.13 20.36
CA ALA C 39 -33.17 30.36 21.58
C ALA C 39 -31.75 29.82 21.76
N ARG C 40 -31.13 29.37 20.66
CA ARG C 40 -29.78 28.85 20.75
C ARG C 40 -28.77 29.95 21.04
N LYS C 41 -29.00 31.16 20.50
CA LYS C 41 -28.09 32.27 20.76
C LYS C 41 -28.28 32.86 22.15
N ALA C 42 -29.47 32.72 22.74
CA ALA C 42 -29.70 33.25 24.07
C ALA C 42 -28.83 32.55 25.11
N CYS C 43 -28.48 31.29 24.88
CA CYS C 43 -27.69 30.51 25.81
C CYS C 43 -26.19 30.74 25.67
N ALA C 44 -25.75 31.55 24.70
CA ALA C 44 -24.35 31.89 24.51
C ALA C 44 -24.06 33.17 25.28
N ASP C 45 -23.32 33.05 26.38
CA ASP C 45 -22.99 34.17 27.25
C ASP C 45 -21.49 34.44 27.28
N ALA C 46 -20.68 33.39 27.44
CA ALA C 46 -19.23 33.50 27.47
C ALA C 46 -18.64 32.46 26.53
N THR C 47 -17.74 32.91 25.65
CA THR C 47 -17.10 32.01 24.71
C THR C 47 -16.00 31.21 25.41
N LEU C 48 -15.64 30.07 24.80
CA LEU C 48 -14.66 29.18 25.41
C LEU C 48 -13.28 29.82 25.47
N SER C 49 -12.99 30.75 24.56
CA SER C 49 -11.67 31.38 24.52
C SER C 49 -11.40 32.17 25.79
N GLN C 50 -12.33 33.03 26.20
CA GLN C 50 -12.09 33.86 27.38
C GLN C 50 -12.16 33.05 28.67
N ILE C 51 -12.77 31.87 28.64
CA ILE C 51 -12.78 31.00 29.82
C ILE C 51 -11.47 30.25 29.94
N THR C 52 -10.94 29.74 28.82
CA THR C 52 -9.70 28.97 28.81
C THR C 52 -8.46 29.83 28.63
N ASN C 53 -8.56 31.15 28.82
CA ASN C 53 -7.42 32.03 28.59
C ASN C 53 -6.28 31.75 29.56
N ASN C 54 -6.60 31.58 30.84
CA ASN C 54 -5.59 31.39 31.88
C ASN C 54 -5.37 29.91 32.14
N ILE C 55 -4.77 29.25 31.14
CA ILE C 55 -4.41 27.85 31.21
C ILE C 55 -2.98 27.71 30.70
N ASP C 56 -2.17 26.94 31.41
CA ASP C 56 -0.80 26.72 30.98
C ASP C 56 -0.82 25.97 29.65
N PRO C 57 -0.16 26.46 28.60
CA PRO C 57 -0.19 25.74 27.32
C PRO C 57 0.54 24.41 27.41
N VAL C 58 0.30 23.56 26.40
CA VAL C 58 0.99 22.28 26.32
C VAL C 58 2.41 22.41 25.80
N GLY C 59 2.84 23.62 25.44
CA GLY C 59 4.19 23.80 24.93
C GLY C 59 4.34 23.28 23.52
N ARG C 60 5.45 22.59 23.30
CA ARG C 60 5.80 22.02 21.99
C ARG C 60 6.03 20.53 22.16
N ILE C 61 5.57 19.75 21.17
CA ILE C 61 5.75 18.31 21.14
C ILE C 61 6.28 17.89 19.77
N GLN C 62 7.01 16.79 19.76
CA GLN C 62 7.51 16.18 18.53
C GLN C 62 7.32 14.68 18.62
N MET C 63 6.73 14.10 17.58
CA MET C 63 6.52 12.66 17.49
C MET C 63 7.13 12.15 16.20
N ARG C 64 7.97 11.13 16.34
CA ARG C 64 8.66 10.50 15.22
C ARG C 64 7.99 9.19 14.88
N THR C 65 7.88 8.90 13.59
CA THR C 65 7.33 7.62 13.14
C THR C 65 8.14 6.47 13.75
N ARG C 66 7.46 5.61 14.49
CA ARG C 66 8.11 4.50 15.17
C ARG C 66 8.15 3.23 14.34
N ARG C 67 7.14 3.01 13.50
CA ARG C 67 7.13 1.86 12.60
C ARG C 67 6.46 2.27 11.30
N THR C 68 6.90 1.63 10.21
CA THR C 68 6.34 1.87 8.89
C THR C 68 6.00 0.51 8.29
N LEU C 69 4.72 0.27 8.08
CA LEU C 69 4.23 -1.03 7.63
C LEU C 69 4.09 -1.03 6.12
N ARG C 70 4.97 -1.76 5.46
CA ARG C 70 4.94 -1.95 4.01
C ARG C 70 4.27 -3.27 3.68
N GLY C 71 3.86 -3.40 2.41
CA GLY C 71 3.18 -4.59 1.95
C GLY C 71 2.07 -4.27 0.97
N HIS C 72 1.53 -3.06 1.06
CA HIS C 72 0.57 -2.57 0.10
C HIS C 72 1.32 -1.99 -1.10
N LEU C 73 0.78 -2.24 -2.29
CA LEU C 73 1.36 -1.77 -3.55
C LEU C 73 0.48 -0.72 -4.21
N ALA C 74 -0.40 -0.08 -3.45
CA ALA C 74 -1.38 0.84 -4.00
C ALA C 74 -1.81 1.82 -2.90
N LYS C 75 -2.72 2.72 -3.24
CA LYS C 75 -3.21 3.69 -2.27
C LYS C 75 -3.93 2.98 -1.13
N ILE C 76 -3.83 3.57 0.07
CA ILE C 76 -4.52 3.09 1.26
C ILE C 76 -5.63 4.07 1.56
N TYR C 77 -6.86 3.57 1.61
CA TYR C 77 -8.05 4.40 1.81
C TYR C 77 -8.54 4.45 3.26
N ALA C 78 -8.50 3.33 3.97
CA ALA C 78 -9.12 3.29 5.30
C ALA C 78 -8.38 2.30 6.18
N MET C 79 -8.58 2.47 7.49
CA MET C 79 -7.98 1.61 8.49
C MET C 79 -8.79 1.70 9.77
N HIS C 80 -8.58 0.74 10.67
CA HIS C 80 -9.24 0.75 11.97
C HIS C 80 -8.39 -0.03 12.97
N TRP C 81 -8.05 0.61 14.09
CA TRP C 81 -7.32 -0.06 15.16
C TRP C 81 -8.17 -1.17 15.77
N GLY C 82 -7.51 -2.24 16.21
CA GLY C 82 -8.19 -3.24 17.01
C GLY C 82 -8.37 -2.78 18.44
N THR C 83 -9.19 -3.53 19.17
CA THR C 83 -9.47 -3.20 20.56
C THR C 83 -8.29 -3.52 21.48
N ASP C 84 -7.48 -4.52 21.14
CA ASP C 84 -6.32 -4.89 21.94
C ASP C 84 -5.11 -3.98 21.69
N SER C 85 -5.27 -2.89 20.94
CA SER C 85 -4.26 -1.85 20.77
C SER C 85 -3.00 -2.34 20.07
N ARG C 86 -3.06 -3.52 19.44
CA ARG C 86 -1.89 -4.11 18.79
C ARG C 86 -2.19 -4.44 17.33
N LEU C 87 -3.40 -4.95 17.07
CA LEU C 87 -3.81 -5.35 15.73
C LEU C 87 -4.56 -4.20 15.04
N LEU C 88 -4.33 -4.07 13.75
CA LEU C 88 -5.10 -3.14 12.93
C LEU C 88 -5.30 -3.74 11.56
N VAL C 89 -6.31 -3.25 10.85
CA VAL C 89 -6.65 -3.68 9.50
C VAL C 89 -6.65 -2.44 8.61
N SER C 90 -6.26 -2.61 7.35
CA SER C 90 -6.21 -1.52 6.40
C SER C 90 -6.66 -2.01 5.04
N ALA C 91 -7.31 -1.13 4.28
CA ALA C 91 -7.87 -1.42 2.98
C ALA C 91 -7.22 -0.54 1.92
N SER C 92 -6.90 -1.12 0.77
CA SER C 92 -6.21 -0.44 -0.31
C SER C 92 -6.97 -0.60 -1.61
N GLN C 93 -6.47 0.07 -2.65
CA GLN C 93 -7.11 0.02 -3.96
C GLN C 93 -6.75 -1.26 -4.70
N ASP C 94 -5.66 -1.93 -4.32
CA ASP C 94 -5.27 -3.17 -5.00
C ASP C 94 -6.26 -4.31 -4.78
N GLY C 95 -7.18 -4.18 -3.83
CA GLY C 95 -8.17 -5.21 -3.56
C GLY C 95 -7.79 -6.19 -2.47
N LYS C 96 -6.79 -5.88 -1.65
CA LYS C 96 -6.36 -6.73 -0.56
C LYS C 96 -6.65 -6.03 0.77
N LEU C 97 -7.29 -6.75 1.68
CA LEU C 97 -7.55 -6.28 3.04
C LEU C 97 -6.72 -7.14 3.99
N ILE C 98 -5.67 -6.55 4.54
CA ILE C 98 -4.64 -7.29 5.27
C ILE C 98 -4.45 -6.70 6.66
N ILE C 99 -4.33 -7.60 7.64
CA ILE C 99 -4.29 -7.25 9.06
C ILE C 99 -2.84 -7.29 9.51
N TRP C 100 -2.42 -6.27 10.26
CA TRP C 100 -1.06 -6.14 10.75
C TRP C 100 -0.99 -6.50 12.23
N ASP C 101 0.23 -6.81 12.67
CA ASP C 101 0.59 -6.91 14.07
C ASP C 101 1.57 -5.78 14.35
N SER C 102 1.12 -4.76 15.10
CA SER C 102 1.84 -3.50 15.17
C SER C 102 3.22 -3.67 15.80
N TYR C 103 3.30 -4.39 16.93
CA TYR C 103 4.54 -4.42 17.69
C TYR C 103 5.67 -5.07 16.90
N THR C 104 5.39 -6.20 16.25
CA THR C 104 6.45 -6.93 15.51
C THR C 104 6.37 -6.62 14.03
N THR C 105 5.29 -5.97 13.58
CA THR C 105 5.14 -5.54 12.18
C THR C 105 5.16 -6.75 11.24
N ASN C 106 4.26 -7.69 11.53
CA ASN C 106 3.99 -8.82 10.64
C ASN C 106 2.65 -8.60 9.93
N LYS C 107 2.22 -9.63 9.22
CA LYS C 107 0.89 -9.67 8.61
C LYS C 107 0.17 -10.91 9.11
N VAL C 108 -0.97 -10.71 9.74
CA VAL C 108 -1.74 -11.81 10.34
C VAL C 108 -2.61 -12.49 9.30
N HIS C 109 -3.27 -11.71 8.44
CA HIS C 109 -4.15 -12.25 7.42
C HIS C 109 -4.03 -11.41 6.16
N ALA C 110 -4.35 -12.03 5.03
CA ALA C 110 -4.47 -11.34 3.75
C ALA C 110 -5.71 -11.86 3.06
N ILE C 111 -6.70 -10.97 2.89
CA ILE C 111 -8.04 -11.35 2.46
C ILE C 111 -8.22 -10.84 1.03
N PRO C 112 -8.34 -11.71 0.00
CA PRO C 112 -8.60 -11.19 -1.35
C PRO C 112 -10.04 -10.71 -1.50
N LEU C 113 -10.21 -9.52 -2.07
CA LEU C 113 -11.51 -8.89 -2.17
C LEU C 113 -12.07 -9.04 -3.58
N ARG C 114 -13.37 -9.30 -3.67
CA ARG C 114 -14.00 -9.48 -4.97
C ARG C 114 -13.99 -8.17 -5.76
N SER C 115 -14.23 -7.05 -5.09
CA SER C 115 -14.25 -5.74 -5.73
C SER C 115 -13.00 -4.96 -5.36
N SER C 116 -12.34 -4.39 -6.36
CA SER C 116 -11.14 -3.61 -6.09
C SER C 116 -11.45 -2.23 -5.52
N TRP C 117 -12.72 -1.79 -5.60
CA TRP C 117 -13.11 -0.48 -5.11
C TRP C 117 -13.57 -0.61 -3.66
N VAL C 118 -12.66 -0.28 -2.74
CA VAL C 118 -12.89 -0.39 -1.31
C VAL C 118 -12.59 0.97 -0.69
N MET C 119 -13.51 1.46 0.14
CA MET C 119 -13.42 2.81 0.69
C MET C 119 -13.59 2.87 2.21
N THR C 120 -14.03 1.79 2.85
CA THR C 120 -14.14 1.76 4.30
C THR C 120 -13.83 0.37 4.81
N CYS C 121 -13.35 0.30 6.05
CA CYS C 121 -13.10 -0.95 6.73
C CYS C 121 -13.23 -0.72 8.23
N ALA C 122 -13.43 -1.81 8.97
CA ALA C 122 -13.61 -1.71 10.41
C ALA C 122 -13.19 -3.01 11.07
N TYR C 123 -12.76 -2.90 12.33
CA TYR C 123 -12.35 -4.05 13.14
C TYR C 123 -13.33 -4.16 14.31
N ALA C 124 -13.91 -5.35 14.47
CA ALA C 124 -14.95 -5.51 15.47
C ALA C 124 -14.36 -5.39 16.88
N PRO C 125 -15.14 -4.90 17.85
CA PRO C 125 -14.60 -4.80 19.22
C PRO C 125 -14.24 -6.16 19.82
N SER C 126 -15.01 -7.20 19.49
CA SER C 126 -14.68 -8.53 19.99
C SER C 126 -13.36 -9.02 19.42
N GLY C 127 -13.05 -8.62 18.19
CA GLY C 127 -11.80 -8.94 17.56
C GLY C 127 -11.82 -10.12 16.60
N ASN C 128 -13.00 -10.67 16.30
CA ASN C 128 -13.12 -11.84 15.43
C ASN C 128 -14.00 -11.56 14.21
N TYR C 129 -14.19 -10.30 13.84
CA TYR C 129 -14.92 -9.94 12.64
C TYR C 129 -14.34 -8.66 12.06
N VAL C 130 -14.38 -8.57 10.73
CA VAL C 130 -13.89 -7.41 10.00
C VAL C 130 -14.88 -7.12 8.88
N ALA C 131 -15.20 -5.83 8.71
CA ALA C 131 -16.17 -5.37 7.74
C ALA C 131 -15.46 -4.59 6.63
N CYS C 132 -16.08 -4.59 5.45
CA CYS C 132 -15.51 -3.95 4.28
C CYS C 132 -16.63 -3.44 3.39
N GLY C 133 -16.43 -2.27 2.80
CA GLY C 133 -17.44 -1.67 1.95
C GLY C 133 -16.83 -0.66 1.01
N GLY C 134 -17.46 -0.49 -0.15
CA GLY C 134 -16.96 0.44 -1.14
C GLY C 134 -17.99 0.80 -2.21
N LEU C 135 -17.52 0.95 -3.45
CA LEU C 135 -18.40 1.34 -4.54
C LEU C 135 -19.35 0.23 -4.99
N ASP C 136 -19.19 -0.99 -4.49
CA ASP C 136 -20.04 -2.11 -4.90
C ASP C 136 -21.37 -2.15 -4.14
N ASN C 137 -21.65 -1.17 -3.28
CA ASN C 137 -22.93 -1.01 -2.60
C ASN C 137 -23.21 -2.12 -1.59
N ILE C 138 -22.21 -2.95 -1.28
CA ILE C 138 -22.39 -4.13 -0.44
C ILE C 138 -21.38 -4.07 0.69
N CYS C 139 -21.85 -4.28 1.92
CA CYS C 139 -20.99 -4.39 3.09
C CYS C 139 -20.72 -5.87 3.33
N SER C 140 -19.45 -6.25 3.22
CA SER C 140 -19.02 -7.63 3.39
C SER C 140 -18.33 -7.81 4.74
N ILE C 141 -18.76 -8.82 5.48
CA ILE C 141 -18.26 -9.11 6.81
C ILE C 141 -17.46 -10.40 6.74
N TYR C 142 -16.25 -10.37 7.29
CA TYR C 142 -15.31 -11.49 7.26
C TYR C 142 -15.12 -12.05 8.66
N ASN C 143 -15.24 -13.36 8.78
CA ASN C 143 -15.01 -14.08 10.03
C ASN C 143 -13.55 -14.48 10.10
N LEU C 144 -12.84 -13.94 11.09
CA LEU C 144 -11.40 -14.17 11.21
C LEU C 144 -11.12 -15.48 11.94
N LYS C 145 -11.61 -15.62 13.16
CA LYS C 145 -11.38 -16.82 13.97
C LYS C 145 -12.38 -17.88 13.55
N THR C 146 -11.88 -18.94 12.94
CA THR C 146 -12.72 -20.03 12.46
C THR C 146 -11.85 -21.27 12.35
N ARG C 147 -12.52 -22.43 12.23
CA ARG C 147 -11.79 -23.63 11.87
C ARG C 147 -11.23 -23.48 10.45
N GLU C 148 -10.43 -24.48 10.07
CA GLU C 148 -9.65 -24.53 8.82
C GLU C 148 -8.95 -23.23 8.46
N GLY C 149 -8.52 -22.47 9.47
CA GLY C 149 -7.49 -21.43 9.35
C GLY C 149 -7.53 -20.50 8.16
N ASN C 150 -8.71 -20.24 7.59
CA ASN C 150 -8.83 -19.32 6.47
C ASN C 150 -10.01 -18.38 6.73
N VAL C 151 -9.89 -17.17 6.19
CA VAL C 151 -10.88 -16.12 6.39
C VAL C 151 -11.89 -16.18 5.24
N ARG C 152 -13.09 -16.67 5.54
CA ARG C 152 -14.16 -16.79 4.56
C ARG C 152 -15.19 -15.69 4.79
N VAL C 153 -15.88 -15.32 3.71
CA VAL C 153 -16.90 -14.28 3.80
C VAL C 153 -18.04 -14.78 4.67
N SER C 154 -18.31 -14.08 5.77
CA SER C 154 -19.41 -14.42 6.65
C SER C 154 -20.75 -14.08 6.01
N ARG C 155 -20.95 -12.81 5.66
CA ARG C 155 -22.18 -12.34 5.04
C ARG C 155 -21.88 -11.17 4.11
N GLU C 156 -22.74 -11.00 3.11
CA GLU C 156 -22.71 -9.86 2.19
C GLU C 156 -24.00 -9.09 2.41
N LEU C 157 -23.93 -8.01 3.20
CA LEU C 157 -25.10 -7.19 3.46
C LEU C 157 -25.34 -6.25 2.28
N ALA C 158 -26.56 -6.27 1.75
CA ALA C 158 -26.95 -5.46 0.61
C ALA C 158 -28.28 -4.77 0.90
N GLY C 159 -28.53 -3.68 0.18
CA GLY C 159 -29.73 -2.88 0.36
C GLY C 159 -29.52 -1.39 0.30
N HIS C 160 -28.30 -0.93 0.03
CA HIS C 160 -28.01 0.47 -0.16
C HIS C 160 -28.01 0.80 -1.65
N THR C 161 -28.64 1.94 -1.98
CA THR C 161 -28.73 2.42 -3.35
C THR C 161 -27.59 3.35 -3.72
N GLY C 162 -26.63 3.58 -2.81
CA GLY C 162 -25.47 4.39 -3.09
C GLY C 162 -24.24 3.77 -2.47
N TYR C 163 -23.08 4.30 -2.85
CA TYR C 163 -21.82 3.69 -2.44
C TYR C 163 -21.65 3.79 -0.93
N LEU C 164 -21.17 2.70 -0.34
CA LEU C 164 -20.92 2.68 1.09
C LEU C 164 -19.71 3.54 1.43
N SER C 165 -19.85 4.40 2.45
CA SER C 165 -18.83 5.37 2.82
C SER C 165 -18.16 5.06 4.15
N CYS C 166 -18.87 4.46 5.11
CA CYS C 166 -18.28 4.14 6.40
C CYS C 166 -19.11 3.04 7.04
N CYS C 167 -18.47 2.27 7.93
CA CYS C 167 -19.13 1.20 8.64
C CYS C 167 -18.44 1.02 9.99
N ARG C 168 -19.23 0.75 11.02
CA ARG C 168 -18.72 0.61 12.37
C ARG C 168 -19.53 -0.45 13.11
N PHE C 169 -18.83 -1.40 13.73
CA PHE C 169 -19.49 -2.43 14.51
C PHE C 169 -20.04 -1.85 15.79
N LEU C 170 -21.31 -2.16 16.08
CA LEU C 170 -21.91 -1.84 17.38
C LEU C 170 -21.55 -2.91 18.39
N ASP C 171 -21.93 -4.15 18.11
CA ASP C 171 -21.51 -5.33 18.86
C ASP C 171 -21.17 -6.44 17.88
N ASP C 172 -21.05 -7.68 18.37
CA ASP C 172 -20.76 -8.80 17.51
C ASP C 172 -21.82 -9.04 16.44
N ASN C 173 -23.06 -8.58 16.66
CA ASN C 173 -24.21 -8.98 15.85
C ASN C 173 -24.85 -7.82 15.11
N GLN C 174 -24.45 -6.57 15.39
CA GLN C 174 -25.03 -5.40 14.74
C GLN C 174 -23.93 -4.48 14.24
N ILE C 175 -24.20 -3.82 13.11
CA ILE C 175 -23.25 -2.92 12.47
C ILE C 175 -24.04 -1.76 11.86
N VAL C 176 -23.49 -0.55 11.98
CA VAL C 176 -24.10 0.65 11.44
C VAL C 176 -23.30 1.07 10.21
N THR C 177 -24.01 1.47 9.16
CA THR C 177 -23.40 1.84 7.88
C THR C 177 -23.92 3.21 7.45
N SER C 178 -23.04 3.97 6.79
CA SER C 178 -23.39 5.26 6.21
C SER C 178 -23.09 5.20 4.72
N SER C 179 -24.12 5.36 3.90
CA SER C 179 -24.04 5.10 2.47
C SER C 179 -24.03 6.41 1.68
N GLY C 180 -23.83 6.28 0.37
CA GLY C 180 -23.81 7.41 -0.53
C GLY C 180 -25.15 7.64 -1.21
N ASP C 181 -26.24 7.33 -0.52
CA ASP C 181 -27.59 7.61 -0.98
C ASP C 181 -28.38 8.38 0.07
N THR C 182 -27.68 9.22 0.83
CA THR C 182 -28.32 10.18 1.74
C THR C 182 -29.08 9.45 2.86
N THR C 183 -28.42 8.44 3.46
CA THR C 183 -29.03 7.71 4.55
C THR C 183 -28.00 6.80 5.20
N CYS C 184 -28.24 6.49 6.48
CA CYS C 184 -27.49 5.49 7.23
C CYS C 184 -28.45 4.39 7.66
N ALA C 185 -27.90 3.22 7.96
CA ALA C 185 -28.68 2.07 8.37
C ALA C 185 -28.00 1.37 9.53
N LEU C 186 -28.79 0.60 10.27
CA LEU C 186 -28.31 -0.27 11.34
C LEU C 186 -28.73 -1.68 11.01
N TRP C 187 -27.76 -2.55 10.74
CA TRP C 187 -28.00 -3.90 10.28
C TRP C 187 -27.99 -4.89 11.44
N ASP C 188 -28.66 -6.01 11.23
CA ASP C 188 -28.56 -7.18 12.09
C ASP C 188 -27.93 -8.29 11.28
N ILE C 189 -26.78 -8.78 11.72
CA ILE C 189 -25.97 -9.66 10.89
C ILE C 189 -26.66 -11.00 10.67
N GLU C 190 -27.14 -11.63 11.76
CA GLU C 190 -27.69 -12.97 11.64
C GLU C 190 -28.92 -12.99 10.73
N THR C 191 -29.82 -12.03 10.91
CA THR C 191 -30.96 -11.94 9.98
C THR C 191 -30.50 -11.48 8.61
N GLY C 192 -29.50 -10.62 8.56
CA GLY C 192 -28.96 -10.16 7.29
C GLY C 192 -29.76 -9.06 6.62
N GLN C 193 -30.65 -8.39 7.36
CA GLN C 193 -31.50 -7.34 6.81
C GLN C 193 -31.53 -6.18 7.80
N GLN C 194 -31.78 -4.98 7.26
CA GLN C 194 -31.78 -3.79 8.08
C GLN C 194 -32.87 -3.85 9.14
N THR C 195 -32.55 -3.29 10.32
CA THR C 195 -33.52 -3.10 11.39
C THR C 195 -33.83 -1.64 11.66
N THR C 196 -33.06 -0.71 11.10
CA THR C 196 -33.37 0.71 11.20
C THR C 196 -32.76 1.41 9.99
N THR C 197 -33.39 2.50 9.58
CA THR C 197 -32.91 3.31 8.46
C THR C 197 -32.97 4.77 8.86
N PHE C 198 -31.80 5.39 8.94
CA PHE C 198 -31.70 6.81 9.27
C PHE C 198 -31.69 7.62 7.97
N THR C 199 -32.75 8.40 7.76
CA THR C 199 -32.94 9.17 6.53
C THR C 199 -33.40 10.58 6.94
N GLY C 200 -32.42 11.44 7.21
CA GLY C 200 -32.68 12.84 7.54
C GLY C 200 -31.84 13.81 6.73
N HIS C 201 -30.75 13.32 6.14
CA HIS C 201 -29.86 14.18 5.38
C HIS C 201 -30.48 14.55 4.04
N THR C 202 -29.87 15.53 3.37
CA THR C 202 -30.24 15.94 2.02
C THR C 202 -29.11 15.77 1.02
N GLY C 203 -27.87 15.56 1.47
CA GLY C 203 -26.74 15.30 0.60
C GLY C 203 -26.17 13.92 0.85
N ASP C 204 -25.02 13.68 0.22
CA ASP C 204 -24.31 12.43 0.39
C ASP C 204 -23.75 12.34 1.82
N VAL C 205 -23.85 11.15 2.42
CA VAL C 205 -23.30 10.90 3.74
C VAL C 205 -21.90 10.32 3.59
N MET C 206 -20.92 10.95 4.23
CA MET C 206 -19.51 10.67 4.01
C MET C 206 -18.81 10.03 5.20
N SER C 207 -19.35 10.15 6.41
CA SER C 207 -18.65 9.70 7.61
C SER C 207 -19.64 9.30 8.68
N LEU C 208 -19.11 8.79 9.79
CA LEU C 208 -19.93 8.29 10.88
C LEU C 208 -19.01 7.99 12.07
N SER C 209 -19.54 8.14 13.28
CA SER C 209 -18.76 7.87 14.49
C SER C 209 -19.70 7.50 15.62
N LEU C 210 -19.49 6.32 16.19
CA LEU C 210 -20.26 5.84 17.33
C LEU C 210 -19.83 6.62 18.58
N ALA C 211 -20.52 6.38 19.68
CA ALA C 211 -20.24 7.00 20.97
C ALA C 211 -19.67 5.97 21.93
N PRO C 212 -18.95 6.40 22.98
CA PRO C 212 -18.43 5.40 23.94
C PRO C 212 -19.52 4.60 24.62
N ASP C 213 -20.68 5.22 24.91
CA ASP C 213 -21.77 4.51 25.53
C ASP C 213 -22.50 3.58 24.56
N THR C 214 -22.35 3.80 23.25
CA THR C 214 -22.94 2.93 22.22
C THR C 214 -24.46 2.93 22.31
N ARG C 215 -25.01 4.14 22.51
CA ARG C 215 -26.46 4.36 22.51
C ARG C 215 -26.89 5.48 21.58
N LEU C 216 -25.98 6.33 21.10
CA LEU C 216 -26.31 7.35 20.13
C LEU C 216 -25.04 7.73 19.39
N PHE C 217 -25.15 7.91 18.07
CA PHE C 217 -24.01 8.21 17.22
C PHE C 217 -24.28 9.47 16.41
N VAL C 218 -23.27 9.90 15.67
CA VAL C 218 -23.32 11.10 14.84
C VAL C 218 -22.88 10.75 13.44
N SER C 219 -23.21 11.61 12.48
CA SER C 219 -22.90 11.39 11.08
C SER C 219 -22.53 12.72 10.43
N GLY C 220 -21.86 12.61 9.28
CA GLY C 220 -21.45 13.77 8.51
C GLY C 220 -21.79 13.60 7.05
N ALA C 221 -22.26 14.67 6.40
CA ALA C 221 -22.73 14.61 5.02
C ALA C 221 -22.13 15.74 4.21
N CYS C 222 -22.40 15.71 2.90
CA CYS C 222 -21.88 16.71 1.97
C CYS C 222 -22.69 18.00 1.97
N ASP C 223 -23.81 18.06 2.70
CA ASP C 223 -24.60 19.27 2.81
C ASP C 223 -24.10 20.21 3.91
N ALA C 224 -22.86 20.01 4.39
CA ALA C 224 -22.27 20.87 5.41
C ALA C 224 -23.10 20.86 6.69
N SER C 225 -23.48 19.67 7.14
CA SER C 225 -24.26 19.53 8.36
C SER C 225 -24.00 18.16 8.96
N ALA C 226 -23.96 18.11 10.29
CA ALA C 226 -23.80 16.87 11.04
C ALA C 226 -25.02 16.65 11.92
N LYS C 227 -25.47 15.40 11.99
CA LYS C 227 -26.69 15.02 12.67
C LYS C 227 -26.37 14.02 13.77
N LEU C 228 -27.00 14.20 14.93
CA LEU C 228 -26.84 13.34 16.09
C LEU C 228 -28.01 12.37 16.12
N TRP C 229 -27.78 11.13 15.73
CA TRP C 229 -28.84 10.14 15.64
C TRP C 229 -28.99 9.39 16.95
N ASP C 230 -30.01 8.54 17.01
CA ASP C 230 -30.25 7.62 18.11
C ASP C 230 -30.49 6.23 17.53
N VAL C 231 -29.88 5.22 18.16
CA VAL C 231 -29.96 3.87 17.62
C VAL C 231 -31.19 3.11 18.11
N ARG C 232 -31.84 3.55 19.18
CA ARG C 232 -33.03 2.86 19.66
C ARG C 232 -34.26 3.22 18.81
N GLU C 233 -34.61 4.50 18.77
CA GLU C 233 -35.76 4.93 17.97
C GLU C 233 -35.40 5.02 16.48
N GLY C 234 -34.40 5.84 16.16
CA GLY C 234 -33.99 6.06 14.79
C GLY C 234 -34.43 7.42 14.28
N MET C 235 -34.52 8.38 15.20
CA MET C 235 -34.95 9.74 14.89
C MET C 235 -33.80 10.70 15.20
N CYS C 236 -33.53 11.61 14.26
CA CYS C 236 -32.53 12.64 14.49
C CYS C 236 -32.92 13.51 15.68
N ARG C 237 -31.96 13.73 16.58
CA ARG C 237 -32.16 14.54 17.77
C ARG C 237 -31.68 15.98 17.59
N GLN C 238 -30.48 16.17 17.04
CA GLN C 238 -29.88 17.48 16.90
C GLN C 238 -29.15 17.57 15.57
N THR C 239 -29.06 18.79 15.04
CA THR C 239 -28.33 19.08 13.82
C THR C 239 -27.43 20.28 14.06
N PHE C 240 -26.22 20.21 13.51
CA PHE C 240 -25.21 21.26 13.66
C PHE C 240 -24.79 21.73 12.27
N THR C 241 -25.07 22.99 11.97
CA THR C 241 -24.73 23.61 10.69
C THR C 241 -23.85 24.82 10.97
N GLY C 242 -22.53 24.65 10.80
CA GLY C 242 -21.59 25.74 10.90
C GLY C 242 -20.46 25.67 9.89
N HIS C 243 -20.55 24.74 8.94
CA HIS C 243 -19.53 24.52 7.94
C HIS C 243 -19.92 25.16 6.62
N GLU C 244 -18.93 25.67 5.91
CA GLU C 244 -19.12 26.30 4.61
C GLU C 244 -18.99 25.32 3.46
N SER C 245 -18.81 24.03 3.73
CA SER C 245 -18.73 23.04 2.67
C SER C 245 -18.85 21.65 3.28
N ASP C 246 -18.73 20.64 2.43
CA ASP C 246 -18.89 19.25 2.84
C ASP C 246 -17.90 18.87 3.92
N ILE C 247 -18.39 18.13 4.92
CA ILE C 247 -17.56 17.65 6.03
C ILE C 247 -17.13 16.22 5.71
N ASN C 248 -15.81 15.99 5.77
CA ASN C 248 -15.21 14.75 5.30
C ASN C 248 -15.02 13.69 6.37
N ALA C 249 -14.82 14.09 7.63
CA ALA C 249 -14.55 13.13 8.70
C ALA C 249 -15.07 13.68 10.02
N ILE C 250 -15.38 12.75 10.92
CA ILE C 250 -16.00 13.09 12.20
C ILE C 250 -15.48 12.12 13.25
N CYS C 251 -15.36 12.61 14.48
CA CYS C 251 -14.91 11.84 15.62
C CYS C 251 -15.93 11.99 16.74
N PHE C 252 -15.55 11.57 17.94
CA PHE C 252 -16.39 11.77 19.13
C PHE C 252 -15.49 12.02 20.31
N PHE C 253 -15.79 13.06 21.09
CA PHE C 253 -15.00 13.37 22.27
C PHE C 253 -15.13 12.21 23.27
N PRO C 254 -14.04 11.78 23.91
CA PRO C 254 -14.15 10.62 24.82
C PRO C 254 -15.12 10.84 25.97
N ASN C 255 -15.34 12.08 26.40
CA ASN C 255 -16.36 12.36 27.39
C ASN C 255 -17.74 11.94 26.90
N GLY C 256 -17.95 11.97 25.58
CA GLY C 256 -19.22 11.60 24.99
C GLY C 256 -20.23 12.73 24.86
N ASN C 257 -19.84 13.98 25.16
CA ASN C 257 -20.72 15.13 25.07
C ASN C 257 -20.20 16.17 24.09
N ALA C 258 -19.36 15.77 23.14
CA ALA C 258 -18.86 16.67 22.12
C ALA C 258 -18.23 15.85 21.01
N PHE C 259 -17.99 16.50 19.88
CA PHE C 259 -17.33 15.85 18.76
C PHE C 259 -16.69 16.90 17.86
N ALA C 260 -15.82 16.43 16.97
CA ALA C 260 -15.06 17.29 16.07
C ALA C 260 -15.30 16.86 14.64
N THR C 261 -15.52 17.84 13.78
CA THR C 261 -15.79 17.63 12.35
C THR C 261 -14.64 18.19 11.53
N GLY C 262 -14.52 17.71 10.30
CA GLY C 262 -13.49 18.18 9.39
C GLY C 262 -14.00 18.30 7.96
N SER C 263 -13.86 19.48 7.37
CA SER C 263 -14.36 19.79 6.03
C SER C 263 -13.21 20.16 5.11
N ASP C 264 -13.52 20.40 3.84
CA ASP C 264 -12.53 20.78 2.85
C ASP C 264 -12.26 22.29 2.83
N ASP C 265 -12.74 23.02 3.84
CA ASP C 265 -12.44 24.44 4.00
C ASP C 265 -11.18 24.66 4.84
N ALA C 266 -10.45 23.59 5.18
CA ALA C 266 -9.26 23.69 6.02
C ALA C 266 -9.60 24.19 7.41
N THR C 267 -10.77 23.83 7.92
CA THR C 267 -11.23 24.27 9.24
C THR C 267 -11.90 23.09 9.94
N CYS C 268 -11.31 22.65 11.05
CA CYS C 268 -11.98 21.75 11.98
C CYS C 268 -12.82 22.56 12.95
N ARG C 269 -13.91 21.97 13.41
CA ARG C 269 -14.83 22.62 14.34
C ARG C 269 -15.16 21.65 15.45
N LEU C 270 -15.37 22.18 16.66
CA LEU C 270 -15.74 21.40 17.83
C LEU C 270 -17.18 21.74 18.19
N PHE C 271 -18.03 20.71 18.22
CA PHE C 271 -19.45 20.86 18.54
C PHE C 271 -19.75 20.15 19.85
N ASP C 272 -20.75 20.66 20.56
CA ASP C 272 -21.21 20.08 21.82
C ASP C 272 -22.64 19.57 21.65
N LEU C 273 -22.94 18.48 22.36
CA LEU C 273 -24.27 17.89 22.25
C LEU C 273 -25.27 18.60 23.16
N ARG C 274 -24.87 18.90 24.40
CA ARG C 274 -25.80 19.53 25.33
C ARG C 274 -26.03 20.99 24.98
N ALA C 275 -24.96 21.74 24.66
CA ALA C 275 -25.11 23.14 24.31
C ALA C 275 -25.73 23.34 22.93
N ASP C 276 -25.65 22.34 22.05
CA ASP C 276 -26.27 22.34 20.74
C ASP C 276 -25.67 23.36 19.79
N GLN C 277 -24.46 23.85 20.05
CA GLN C 277 -23.85 24.89 19.23
C GLN C 277 -22.33 24.68 19.17
N GLU C 278 -21.74 25.24 18.12
CA GLU C 278 -20.30 25.18 17.94
C GLU C 278 -19.58 25.89 19.08
N LEU C 279 -18.42 25.33 19.47
CA LEU C 279 -17.60 25.87 20.54
C LEU C 279 -16.32 26.52 20.04
N MET C 280 -15.55 25.81 19.22
CA MET C 280 -14.30 26.34 18.69
C MET C 280 -14.09 25.85 17.28
N THR C 281 -13.36 26.65 16.50
CA THR C 281 -12.96 26.32 15.15
C THR C 281 -11.45 26.44 15.03
N TYR C 282 -10.83 25.47 14.36
CA TYR C 282 -9.38 25.39 14.22
C TYR C 282 -9.01 25.74 12.78
N SER C 283 -8.43 26.93 12.60
CA SER C 283 -8.11 27.43 11.27
C SER C 283 -6.80 28.19 11.32
N HIS C 284 -6.14 28.25 10.17
CA HIS C 284 -4.89 29.00 10.02
C HIS C 284 -4.77 29.41 8.56
N ASP C 285 -4.10 30.56 8.35
CA ASP C 285 -4.02 31.14 7.01
C ASP C 285 -3.05 30.39 6.11
N ASN C 286 -2.01 29.77 6.66
CA ASN C 286 -1.04 29.07 5.83
C ASN C 286 -1.63 27.83 5.16
N ILE C 287 -2.76 27.33 5.65
CA ILE C 287 -3.40 26.13 5.12
C ILE C 287 -4.74 26.52 4.50
N ILE C 288 -4.94 26.11 3.24
CA ILE C 288 -6.19 26.36 2.52
C ILE C 288 -6.68 25.07 1.87
N CYS C 289 -6.14 23.93 2.30
CA CYS C 289 -6.40 22.64 1.66
C CYS C 289 -7.35 21.82 2.53
N GLY C 290 -7.83 20.70 1.97
CA GLY C 290 -8.88 19.95 2.61
C GLY C 290 -8.40 19.07 3.75
N ILE C 291 -9.36 18.53 4.48
CA ILE C 291 -9.13 17.70 5.66
C ILE C 291 -9.77 16.33 5.42
N THR C 292 -9.02 15.27 5.71
CA THR C 292 -9.45 13.91 5.42
C THR C 292 -9.81 13.09 6.64
N SER C 293 -9.21 13.37 7.79
CA SER C 293 -9.44 12.56 8.98
C SER C 293 -9.15 13.39 10.22
N VAL C 294 -9.91 13.14 11.28
CA VAL C 294 -9.69 13.74 12.59
C VAL C 294 -9.87 12.67 13.64
N SER C 295 -9.11 12.82 14.73
CA SER C 295 -9.24 11.92 15.87
C SER C 295 -8.78 12.66 17.12
N PHE C 296 -9.22 12.16 18.27
CA PHE C 296 -8.94 12.74 19.57
C PHE C 296 -7.90 11.89 20.30
N SER C 297 -7.19 12.53 21.22
CA SER C 297 -6.25 11.84 22.07
C SER C 297 -7.01 11.17 23.22
N LYS C 298 -6.27 10.49 24.10
CA LYS C 298 -6.91 9.73 25.17
C LYS C 298 -7.68 10.65 26.12
N SER C 299 -7.07 11.81 26.44
CA SER C 299 -7.73 12.77 27.36
C SER C 299 -8.53 13.81 26.58
N GLY C 300 -8.46 13.79 25.25
CA GLY C 300 -9.16 14.77 24.44
C GLY C 300 -8.50 16.13 24.38
N ARG C 301 -7.41 16.35 25.12
CA ARG C 301 -6.73 17.62 25.07
C ARG C 301 -6.14 17.90 23.70
N LEU C 302 -5.73 16.86 22.98
CA LEU C 302 -5.15 16.98 21.66
C LEU C 302 -6.15 16.52 20.60
N LEU C 303 -6.35 17.37 19.60
CA LEU C 303 -7.19 17.06 18.45
C LEU C 303 -6.29 16.89 17.24
N LEU C 304 -6.17 15.66 16.76
CA LEU C 304 -5.37 15.40 15.58
C LEU C 304 -6.18 15.71 14.33
N ALA C 305 -5.50 15.76 13.19
CA ALA C 305 -6.14 16.04 11.92
C ALA C 305 -5.28 15.48 10.81
N GLY C 306 -5.88 15.37 9.63
CA GLY C 306 -5.17 14.92 8.44
C GLY C 306 -5.58 15.74 7.23
N TYR C 307 -4.60 16.39 6.60
CA TYR C 307 -4.85 17.38 5.56
C TYR C 307 -4.39 16.84 4.21
N ASP C 308 -4.69 17.63 3.17
CA ASP C 308 -4.22 17.34 1.82
C ASP C 308 -2.86 17.95 1.52
N ASP C 309 -2.18 18.52 2.51
CA ASP C 309 -0.86 19.12 2.35
C ASP C 309 0.27 18.10 2.47
N PHE C 310 0.00 16.82 2.23
CA PHE C 310 0.98 15.75 2.36
C PHE C 310 1.52 15.64 3.78
N ASN C 311 0.72 16.01 4.77
CA ASN C 311 1.17 15.99 6.17
C ASN C 311 -0.07 15.97 7.06
N CYS C 312 0.18 16.06 8.37
CA CYS C 312 -0.87 16.12 9.38
C CYS C 312 -0.59 17.30 10.30
N ASN C 313 -1.52 17.53 11.23
CA ASN C 313 -1.39 18.57 12.23
C ASN C 313 -1.87 18.03 13.58
N VAL C 314 -1.49 18.73 14.64
CA VAL C 314 -1.94 18.41 15.99
C VAL C 314 -2.44 19.70 16.62
N TRP C 315 -3.73 19.74 16.92
CA TRP C 315 -4.40 20.94 17.41
C TRP C 315 -4.68 20.81 18.90
N ASP C 316 -4.37 21.88 19.64
CA ASP C 316 -4.74 21.92 21.05
C ASP C 316 -6.24 22.16 21.16
N ALA C 317 -6.93 21.21 21.80
CA ALA C 317 -8.40 21.22 21.78
C ALA C 317 -9.01 22.37 22.57
N LEU C 318 -8.23 23.08 23.40
CA LEU C 318 -8.74 24.17 24.22
C LEU C 318 -8.26 25.54 23.82
N LYS C 319 -7.25 25.66 22.95
CA LYS C 319 -6.73 26.94 22.53
C LYS C 319 -6.62 27.11 21.02
N ALA C 320 -6.80 26.04 20.23
CA ALA C 320 -6.72 26.11 18.78
C ALA C 320 -5.35 26.62 18.32
N ASP C 321 -4.31 26.17 19.01
CA ASP C 321 -2.92 26.50 18.68
C ASP C 321 -2.28 25.26 18.07
N ARG C 322 -1.66 25.42 16.91
CA ARG C 322 -0.97 24.32 16.27
C ARG C 322 0.24 23.92 17.10
N ALA C 323 0.12 22.80 17.80
CA ALA C 323 1.15 22.33 18.73
C ALA C 323 1.84 21.08 18.20
N GLY C 324 2.04 21.00 16.90
CA GLY C 324 2.73 19.87 16.32
C GLY C 324 2.37 19.70 14.86
N VAL C 325 3.31 19.13 14.12
CA VAL C 325 3.13 18.78 12.71
C VAL C 325 3.81 17.44 12.48
N LEU C 326 3.12 16.54 11.77
CA LEU C 326 3.64 15.22 11.45
C LEU C 326 3.74 15.10 9.93
N ALA C 327 4.88 15.54 9.39
CA ALA C 327 5.14 15.49 7.95
C ALA C 327 6.03 14.29 7.67
N GLY C 328 5.45 13.22 7.16
CA GLY C 328 6.19 12.03 6.80
C GLY C 328 5.71 11.33 5.54
N HIS C 329 4.68 11.88 4.88
CA HIS C 329 4.10 11.28 3.69
C HIS C 329 4.32 12.19 2.49
N ASP C 330 4.78 11.59 1.39
CA ASP C 330 4.93 12.32 0.14
C ASP C 330 3.62 12.51 -0.60
N ASN C 331 2.57 11.77 -0.22
CA ASN C 331 1.22 11.93 -0.76
C ASN C 331 0.28 12.31 0.39
N ARG C 332 -0.99 12.50 0.05
CA ARG C 332 -1.96 12.94 1.04
C ARG C 332 -2.24 11.83 2.05
N VAL C 333 -2.63 12.24 3.25
CA VAL C 333 -3.05 11.31 4.30
C VAL C 333 -4.54 11.08 4.17
N SER C 334 -4.93 9.82 4.08
CA SER C 334 -6.33 9.44 3.84
C SER C 334 -7.07 9.04 5.10
N CYS C 335 -6.45 8.26 5.99
CA CYS C 335 -7.08 7.74 7.18
C CYS C 335 -6.17 7.96 8.37
N LEU C 336 -6.77 8.05 9.55
CA LEU C 336 -6.03 8.34 10.77
C LEU C 336 -6.79 7.72 11.94
N GLY C 337 -6.04 7.16 12.88
CA GLY C 337 -6.65 6.53 14.04
C GLY C 337 -5.72 6.59 15.23
N VAL C 338 -6.31 6.72 16.41
CA VAL C 338 -5.58 6.77 17.68
C VAL C 338 -5.86 5.49 18.43
N THR C 339 -4.81 4.92 19.03
CA THR C 339 -4.95 3.67 19.76
C THR C 339 -5.89 3.84 20.94
N ASP C 340 -6.56 2.75 21.31
CA ASP C 340 -7.55 2.80 22.37
C ASP C 340 -6.92 3.23 23.70
N ASP C 341 -5.78 2.66 24.04
CA ASP C 341 -5.05 3.09 25.24
C ASP C 341 -4.31 4.41 25.05
N GLY C 342 -4.24 4.92 23.82
CA GLY C 342 -3.56 6.17 23.57
C GLY C 342 -2.06 6.07 23.45
N MET C 343 -1.52 4.85 23.29
CA MET C 343 -0.08 4.68 23.22
C MET C 343 0.52 5.18 21.92
N ALA C 344 -0.24 5.15 20.82
CA ALA C 344 0.31 5.42 19.50
C ALA C 344 -0.76 5.95 18.57
N VAL C 345 -0.30 6.51 17.46
CA VAL C 345 -1.14 7.08 16.41
C VAL C 345 -0.73 6.44 15.10
N ALA C 346 -1.70 6.03 14.29
CA ALA C 346 -1.44 5.40 13.00
C ALA C 346 -2.18 6.15 11.92
N THR C 347 -1.47 6.47 10.83
CA THR C 347 -2.02 7.21 9.70
C THR C 347 -1.66 6.48 8.41
N GLY C 348 -2.65 6.35 7.53
CA GLY C 348 -2.44 5.77 6.21
C GLY C 348 -2.53 6.82 5.13
N SER C 349 -1.82 6.63 4.02
CA SER C 349 -1.75 7.61 2.97
C SER C 349 -1.81 6.90 1.62
N TRP C 350 -1.88 7.68 0.56
CA TRP C 350 -1.98 7.16 -0.80
C TRP C 350 -0.64 6.69 -1.36
N ASP C 351 0.45 6.82 -0.58
CA ASP C 351 1.76 6.33 -0.99
C ASP C 351 1.99 4.88 -0.61
N SER C 352 0.94 4.15 -0.24
CA SER C 352 0.98 2.72 0.04
C SER C 352 1.76 2.38 1.32
N PHE C 353 2.06 3.37 2.16
CA PHE C 353 2.69 3.15 3.46
C PHE C 353 1.89 3.85 4.54
N LEU C 354 1.54 3.11 5.59
CA LEU C 354 0.89 3.67 6.76
C LEU C 354 1.83 3.51 7.95
N LYS C 355 2.14 4.62 8.60
CA LYS C 355 3.17 4.69 9.63
C LYS C 355 2.56 4.96 10.99
N ILE C 356 3.18 4.40 12.02
CA ILE C 356 2.75 4.55 13.40
C ILE C 356 3.62 5.60 14.06
N TRP C 357 2.99 6.50 14.81
CA TRP C 357 3.66 7.62 15.46
C TRP C 357 3.43 7.51 16.96
N ASN C 358 4.34 8.09 17.74
CA ASN C 358 4.24 8.04 19.20
C ASN C 358 4.99 9.20 19.83
N ILE D 9 -43.73 17.22 -3.27
CA ILE D 9 -45.00 17.92 -3.19
C ILE D 9 -45.41 18.05 -1.73
N ALA D 10 -45.58 16.91 -1.06
CA ALA D 10 -45.99 16.86 0.34
C ALA D 10 -44.82 16.75 1.31
N GLN D 11 -43.58 16.82 0.82
CA GLN D 11 -42.42 16.68 1.70
C GLN D 11 -42.28 17.84 2.67
N ALA D 12 -42.89 18.99 2.37
CA ALA D 12 -42.80 20.14 3.27
C ALA D 12 -43.44 19.85 4.62
N ARG D 13 -44.54 19.10 4.63
CA ARG D 13 -45.18 18.74 5.89
C ARG D 13 -44.24 17.90 6.74
N LYS D 14 -43.57 16.92 6.13
CA LYS D 14 -42.62 16.10 6.87
C LYS D 14 -41.45 16.94 7.39
N LEU D 15 -40.95 17.86 6.55
CA LEU D 15 -39.82 18.68 6.96
C LEU D 15 -40.19 19.57 8.15
N VAL D 16 -41.34 20.25 8.07
CA VAL D 16 -41.72 21.14 9.16
C VAL D 16 -42.06 20.34 10.41
N GLU D 17 -42.64 19.14 10.26
CA GLU D 17 -42.89 18.30 11.42
C GLU D 17 -41.59 17.91 12.11
N GLN D 18 -40.58 17.54 11.32
CA GLN D 18 -39.29 17.20 11.91
C GLN D 18 -38.66 18.40 12.61
N LEU D 19 -38.75 19.58 11.99
CA LEU D 19 -38.20 20.78 12.62
C LEU D 19 -38.92 21.11 13.92
N LYS D 20 -40.25 20.95 13.93
CA LYS D 20 -41.01 21.16 15.16
C LYS D 20 -40.60 20.17 16.23
N MET D 21 -40.40 18.90 15.86
CA MET D 21 -40.00 17.89 16.82
C MET D 21 -38.63 18.21 17.41
N GLU D 22 -37.70 18.68 16.58
CA GLU D 22 -36.37 19.01 17.05
C GLU D 22 -36.28 20.38 17.72
N ALA D 23 -37.30 21.22 17.60
CA ALA D 23 -37.25 22.56 18.20
C ALA D 23 -37.17 22.48 19.72
N ASN D 24 -37.95 21.60 20.34
CA ASN D 24 -38.05 21.54 21.80
C ASN D 24 -36.96 20.63 22.33
N ILE D 25 -35.80 21.21 22.61
CA ILE D 25 -34.65 20.49 23.16
C ILE D 25 -34.06 21.33 24.28
N ASP D 26 -33.70 20.67 25.39
CA ASP D 26 -33.09 21.37 26.51
C ASP D 26 -31.64 21.73 26.17
N ARG D 27 -31.21 22.87 26.69
CA ARG D 27 -29.87 23.41 26.45
C ARG D 27 -29.29 23.92 27.76
N ILE D 28 -27.97 24.04 27.79
CA ILE D 28 -27.23 24.51 28.96
C ILE D 28 -26.38 25.71 28.56
N LYS D 29 -25.75 26.31 29.56
CA LYS D 29 -24.85 27.42 29.32
C LYS D 29 -23.55 26.93 28.71
N VAL D 30 -23.04 27.71 27.75
CA VAL D 30 -21.77 27.37 27.11
C VAL D 30 -20.65 27.42 28.13
N SER D 31 -20.75 28.30 29.14
CA SER D 31 -19.75 28.32 30.19
C SER D 31 -19.72 26.99 30.96
N LYS D 32 -20.90 26.46 31.28
CA LYS D 32 -20.96 25.17 31.97
C LYS D 32 -20.42 24.04 31.11
N ALA D 33 -20.77 24.05 29.81
CA ALA D 33 -20.26 23.01 28.92
C ALA D 33 -18.74 23.09 28.81
N ALA D 34 -18.20 24.29 28.65
CA ALA D 34 -16.75 24.46 28.58
C ALA D 34 -16.09 24.02 29.88
N ALA D 35 -16.68 24.36 31.02
CA ALA D 35 -16.11 23.96 32.29
C ALA D 35 -16.06 22.44 32.43
N ASP D 36 -17.13 21.76 32.01
CA ASP D 36 -17.12 20.30 32.03
C ASP D 36 -16.05 19.74 31.10
N LEU D 37 -15.87 20.37 29.94
CA LEU D 37 -14.85 19.90 29.00
C LEU D 37 -13.45 20.03 29.58
N MET D 38 -13.12 21.19 30.15
CA MET D 38 -11.80 21.35 30.76
C MET D 38 -11.64 20.43 31.96
N ALA D 39 -12.71 20.21 32.73
CA ALA D 39 -12.62 19.30 33.87
C ALA D 39 -12.27 17.89 33.41
N TYR D 40 -12.94 17.41 32.36
CA TYR D 40 -12.61 16.07 31.86
C TYR D 40 -11.20 16.03 31.29
N CYS D 41 -10.79 17.07 30.57
CA CYS D 41 -9.45 17.07 29.99
C CYS D 41 -8.36 17.08 31.05
N GLU D 42 -8.53 17.84 32.13
CA GLU D 42 -7.53 17.89 33.20
C GLU D 42 -7.63 16.71 34.15
N ALA D 43 -8.74 15.97 34.15
CA ALA D 43 -8.83 14.77 34.98
C ALA D 43 -7.92 13.67 34.47
N HIS D 44 -7.76 13.56 33.14
CA HIS D 44 -6.95 12.50 32.51
C HIS D 44 -5.66 13.07 31.93
N ALA D 45 -5.13 14.14 32.53
CA ALA D 45 -3.89 14.72 32.04
C ALA D 45 -2.73 13.75 32.18
N LYS D 46 -2.69 13.00 33.28
CA LYS D 46 -1.61 12.05 33.55
C LYS D 46 -1.80 10.70 32.89
N GLU D 47 -2.95 10.46 32.25
CA GLU D 47 -3.25 9.18 31.60
C GLU D 47 -3.17 9.27 30.08
N ASP D 48 -2.41 10.22 29.53
CA ASP D 48 -2.30 10.42 28.09
C ASP D 48 -0.87 10.12 27.63
N PRO D 49 -0.60 8.94 27.04
CA PRO D 49 0.77 8.65 26.60
C PRO D 49 1.30 9.56 25.51
N LEU D 50 0.43 10.25 24.77
CA LEU D 50 0.86 11.14 23.70
C LEU D 50 1.11 12.57 24.20
N LEU D 51 0.35 13.01 25.21
CA LEU D 51 0.58 14.33 25.77
C LEU D 51 1.89 14.37 26.55
N THR D 52 2.17 13.31 27.32
CA THR D 52 3.36 13.20 28.14
C THR D 52 4.29 12.14 27.55
N PRO D 53 5.59 12.37 27.44
CA PRO D 53 6.47 11.30 26.94
C PRO D 53 6.56 10.17 27.95
N VAL D 54 7.04 9.02 27.46
CA VAL D 54 7.20 7.82 28.28
C VAL D 54 8.62 7.30 28.10
N PRO D 55 9.23 6.67 29.11
CA PRO D 55 10.55 6.09 28.89
C PRO D 55 10.50 4.86 27.99
N ALA D 56 11.65 4.56 27.38
CA ALA D 56 11.72 3.41 26.48
C ALA D 56 11.45 2.09 27.20
N SER D 57 11.67 2.04 28.52
CA SER D 57 11.46 0.79 29.25
C SER D 57 10.00 0.36 29.22
N GLU D 58 9.08 1.31 29.30
CA GLU D 58 7.65 1.03 29.26
C GLU D 58 7.04 1.15 27.87
N ASN D 59 7.63 1.94 26.99
CA ASN D 59 7.10 2.12 25.64
C ASN D 59 7.15 0.79 24.89
N PRO D 60 6.04 0.28 24.34
CA PRO D 60 6.12 -0.99 23.61
C PRO D 60 6.59 -0.87 22.17
N PHE D 61 6.75 0.34 21.64
CA PHE D 61 7.26 0.53 20.29
C PHE D 61 8.74 0.86 20.31
N VAL E 2 -13.12 -31.48 8.79
CA VAL E 2 -11.77 -31.39 9.35
C VAL E 2 -11.38 -32.76 9.91
N GLN E 3 -10.54 -33.47 9.16
CA GLN E 3 -10.08 -34.80 9.53
C GLN E 3 -8.60 -34.93 9.20
N LEU E 4 -7.95 -35.88 9.89
CA LEU E 4 -6.60 -36.30 9.58
C LEU E 4 -6.53 -37.81 9.71
N VAL E 5 -6.38 -38.49 8.57
CA VAL E 5 -6.29 -39.95 8.53
C VAL E 5 -4.84 -40.30 8.22
N GLU E 6 -4.41 -41.45 8.72
CA GLU E 6 -3.02 -41.91 8.60
C GLU E 6 -3.00 -43.35 8.10
N SER E 7 -1.91 -43.70 7.41
CA SER E 7 -1.74 -45.02 6.83
C SER E 7 -0.32 -45.50 7.08
N GLY E 8 -0.17 -46.82 7.16
CA GLY E 8 1.13 -47.46 7.34
C GLY E 8 1.32 -47.94 8.77
N GLY E 9 2.20 -48.93 8.90
CA GLY E 9 2.50 -49.56 10.17
C GLY E 9 2.70 -51.06 10.01
N GLY E 10 2.39 -51.79 11.09
CA GLY E 10 2.50 -53.24 11.08
C GLY E 10 3.89 -53.71 11.46
N LEU E 11 4.06 -55.03 11.41
CA LEU E 11 5.34 -55.64 11.76
C LEU E 11 6.42 -55.17 10.79
N VAL E 12 7.58 -54.82 11.33
CA VAL E 12 8.75 -54.42 10.55
C VAL E 12 9.98 -54.99 11.21
N GLN E 13 10.81 -55.66 10.44
CA GLN E 13 12.05 -56.16 11.00
C GLN E 13 13.00 -55.00 11.29
N PRO E 14 13.92 -55.16 12.26
CA PRO E 14 14.84 -54.05 12.57
C PRO E 14 15.77 -53.75 11.41
N GLY E 15 16.12 -52.47 11.28
CA GLY E 15 17.00 -52.03 10.22
C GLY E 15 16.34 -51.81 8.87
N GLY E 16 15.03 -51.98 8.78
CA GLY E 16 14.31 -51.82 7.53
C GLY E 16 13.89 -50.39 7.29
N SER E 17 12.82 -50.24 6.51
CA SER E 17 12.31 -48.89 6.16
C SER E 17 10.79 -48.95 6.03
N ARG E 18 10.08 -47.89 6.44
CA ARG E 18 8.64 -47.83 6.37
C ARG E 18 8.24 -46.37 6.17
N LYS E 19 7.11 -46.18 5.47
CA LYS E 19 6.62 -44.86 5.07
C LYS E 19 5.24 -44.67 5.69
N LEU E 20 5.09 -43.62 6.50
CA LEU E 20 3.80 -43.24 7.05
C LEU E 20 3.27 -42.00 6.32
N SER E 21 2.03 -42.08 5.86
CA SER E 21 1.39 -41.01 5.12
C SER E 21 0.16 -40.53 5.89
N CYS E 22 0.07 -39.22 6.10
CA CYS E 22 -1.07 -38.60 6.78
C CYS E 22 -1.81 -37.72 5.77
N SER E 23 -3.05 -38.10 5.46
CA SER E 23 -3.85 -37.42 4.45
C SER E 23 -4.91 -36.55 5.13
N ALA E 24 -4.85 -35.26 4.85
CA ALA E 24 -5.75 -34.28 5.42
C ALA E 24 -6.91 -34.01 4.48
N SER E 25 -8.11 -33.90 5.05
CA SER E 25 -9.32 -33.67 4.26
C SER E 25 -10.32 -32.92 5.11
N GLY E 26 -10.45 -31.61 4.86
CA GLY E 26 -11.42 -30.78 5.54
C GLY E 26 -10.93 -29.42 5.98
N PHE E 27 -9.69 -29.07 5.65
CA PHE E 27 -9.18 -27.76 5.99
C PHE E 27 -8.08 -27.35 5.01
N ALA E 28 -7.74 -26.06 5.06
CA ALA E 28 -6.69 -25.52 4.21
C ALA E 28 -5.34 -26.06 4.68
N PHE E 29 -4.82 -27.05 3.95
CA PHE E 29 -3.65 -27.79 4.41
C PHE E 29 -2.36 -26.99 4.22
N SER E 30 -2.28 -26.18 3.18
CA SER E 30 -1.06 -25.43 2.88
C SER E 30 -0.77 -24.32 3.89
N SER E 31 -1.78 -23.86 4.64
CA SER E 31 -1.61 -22.75 5.56
C SER E 31 -1.17 -23.18 6.96
N PHE E 32 -1.08 -24.49 7.23
CA PHE E 32 -0.79 -25.01 8.54
C PHE E 32 0.59 -25.65 8.57
N GLY E 33 1.28 -25.48 9.70
CA GLY E 33 2.50 -26.21 9.98
C GLY E 33 2.16 -27.49 10.72
N MET E 34 2.71 -28.60 10.22
CA MET E 34 2.35 -29.93 10.70
C MET E 34 3.50 -30.51 11.52
N HIS E 35 3.14 -31.24 12.57
CA HIS E 35 4.10 -31.85 13.48
C HIS E 35 4.05 -33.37 13.35
N VAL E 37 4.55 -36.27 16.38
CA VAL E 37 4.40 -36.62 17.77
C VAL E 37 4.04 -38.10 17.89
N ARG E 38 4.88 -38.87 18.58
CA ARG E 38 4.68 -40.31 18.75
C ARG E 38 4.42 -40.62 20.22
N GLN E 39 3.88 -41.81 20.46
CA GLN E 39 3.59 -42.29 21.81
C GLN E 39 3.98 -43.75 21.90
N ALA E 40 4.89 -44.07 22.83
CA ALA E 40 5.29 -45.44 23.05
C ALA E 40 4.11 -46.23 23.63
N PRO E 41 4.21 -47.56 23.69
CA PRO E 41 3.09 -48.35 24.22
C PRO E 41 2.69 -48.00 25.64
N GLU E 42 3.66 -47.69 26.50
CA GLU E 42 3.41 -47.41 27.91
C GLU E 42 4.21 -46.19 28.37
N LYS E 43 4.16 -45.12 27.58
CA LYS E 43 4.87 -43.89 27.92
C LYS E 43 4.13 -42.72 27.29
N GLY E 44 4.38 -41.52 27.84
CA GLY E 44 3.74 -40.32 27.37
C GLY E 44 4.22 -39.91 25.99
N LEU E 45 3.61 -38.83 25.49
CA LEU E 45 3.90 -38.36 24.15
C LEU E 45 5.34 -37.86 24.05
N GLU E 46 5.97 -38.13 22.90
CA GLU E 46 7.31 -37.69 22.60
C GLU E 46 7.34 -37.05 21.21
N TRP E 47 7.84 -35.83 21.14
CA TRP E 47 7.92 -35.13 19.87
C TRP E 47 8.88 -35.83 18.93
N VAL E 48 8.58 -35.78 17.63
CA VAL E 48 9.34 -36.48 16.60
C VAL E 48 9.94 -35.51 15.60
N ALA E 49 9.10 -34.67 14.99
CA ALA E 49 9.56 -33.81 13.91
C ALA E 49 8.56 -32.70 13.68
N TYR E 50 8.89 -31.81 12.74
CA TYR E 50 8.03 -30.68 12.40
C TYR E 50 8.34 -30.20 10.99
N ILE E 51 7.29 -29.99 10.21
CA ILE E 51 7.39 -29.47 8.85
C ILE E 51 6.53 -28.21 8.78
N SER E 52 7.10 -27.14 8.24
CA SER E 52 6.50 -25.81 8.30
C SER E 52 5.49 -25.61 7.17
N SER E 53 5.04 -24.37 7.00
CA SER E 53 4.13 -24.00 5.93
C SER E 53 4.93 -23.78 4.64
N GLY E 54 4.49 -24.42 3.57
CA GLY E 54 5.22 -24.38 2.32
C GLY E 54 6.55 -25.09 2.33
N SER E 55 6.79 -25.96 3.33
CA SER E 55 8.04 -26.72 3.42
C SER E 55 9.25 -25.80 3.50
N GLY E 56 9.09 -24.65 4.15
CA GLY E 56 10.15 -23.69 4.29
C GLY E 56 11.07 -23.90 5.47
N THR E 57 10.75 -24.83 6.37
CA THR E 57 11.55 -25.05 7.56
C THR E 57 11.23 -26.42 8.13
N ILE E 58 12.27 -27.17 8.51
CA ILE E 58 12.14 -28.52 9.03
C ILE E 58 12.99 -28.62 10.30
N TYR E 59 12.43 -29.18 11.36
CA TYR E 59 13.16 -29.53 12.57
C TYR E 59 12.91 -30.99 12.92
N TYR E 60 13.89 -31.60 13.58
CA TYR E 60 13.77 -32.95 14.09
C TYR E 60 14.27 -33.01 15.52
N ALA E 61 13.77 -33.99 16.26
CA ALA E 61 14.36 -34.33 17.53
C ALA E 61 15.70 -35.02 17.32
N ASP E 62 16.59 -34.90 18.31
CA ASP E 62 17.91 -35.52 18.17
C ASP E 62 17.82 -37.04 18.06
N THR E 63 16.79 -37.65 18.65
CA THR E 63 16.67 -39.11 18.62
C THR E 63 16.41 -39.62 17.19
N VAL E 64 15.81 -38.80 16.34
CA VAL E 64 15.39 -39.20 15.00
C VAL E 64 16.04 -38.34 13.92
N LYS E 65 17.23 -37.82 14.19
CA LYS E 65 17.94 -36.97 13.24
C LYS E 65 18.74 -37.84 12.28
N GLY E 66 18.67 -37.52 10.99
CA GLY E 66 19.52 -38.12 9.99
C GLY E 66 18.90 -39.29 9.25
N ARG E 67 17.86 -39.90 9.80
CA ARG E 67 17.22 -41.08 9.19
C ARG E 67 15.72 -40.92 9.00
N PHE E 68 15.11 -39.86 9.53
CA PHE E 68 13.70 -39.54 9.30
C PHE E 68 13.63 -38.36 8.35
N THR E 69 12.81 -38.48 7.31
CA THR E 69 12.62 -37.44 6.31
C THR E 69 11.13 -37.17 6.13
N ILE E 70 10.79 -35.91 5.86
CA ILE E 70 9.41 -35.45 5.72
C ILE E 70 9.27 -34.64 4.44
N SER E 71 8.21 -34.91 3.70
CA SER E 71 7.81 -34.09 2.56
C SER E 71 6.29 -34.05 2.55
N ARG E 72 5.75 -33.06 1.84
CA ARG E 72 4.31 -32.83 1.82
C ARG E 72 3.85 -32.45 0.42
N ASP E 73 2.83 -33.17 -0.06
CA ASP E 73 2.25 -32.96 -1.38
C ASP E 73 1.04 -32.05 -1.21
N ASP E 74 1.28 -30.74 -1.32
CA ASP E 74 0.24 -29.74 -1.09
C ASP E 74 -0.94 -29.93 -2.05
N PRO E 75 -0.72 -30.12 -3.35
CA PRO E 75 -1.85 -30.45 -4.23
C PRO E 75 -2.57 -31.72 -3.82
N LYS E 76 -1.86 -32.73 -3.33
CA LYS E 76 -2.49 -33.97 -2.89
C LYS E 76 -3.10 -33.86 -1.50
N ASN E 77 -2.80 -32.80 -0.74
CA ASN E 77 -3.28 -32.63 0.62
C ASN E 77 -2.85 -33.82 1.48
N THR E 78 -1.54 -33.97 1.65
CA THR E 78 -0.98 -35.11 2.37
C THR E 78 0.47 -34.81 2.71
N LEU E 79 0.90 -35.30 3.87
CA LEU E 79 2.30 -35.26 4.27
C LEU E 79 2.73 -36.63 4.76
N PHE E 80 3.99 -36.96 4.48
CA PHE E 80 4.53 -38.29 4.71
C PHE E 80 5.61 -38.25 5.78
N LEU E 81 6.09 -39.43 6.16
CA LEU E 81 7.24 -39.59 7.04
C LEU E 81 7.99 -40.84 6.60
N GLN E 82 9.20 -40.64 6.05
CA GLN E 82 10.06 -41.73 5.58
C GLN E 82 11.00 -42.12 6.72
N MET E 83 11.02 -43.41 7.03
CA MET E 83 11.89 -43.96 8.07
C MET E 83 12.83 -44.97 7.45
N THR E 84 14.11 -44.88 7.80
CA THR E 84 15.12 -45.86 7.42
C THR E 84 15.94 -46.20 8.65
N SER E 85 16.50 -47.42 8.65
CA SER E 85 17.28 -47.92 9.77
C SER E 85 16.46 -47.88 11.07
N LEU E 86 15.31 -48.54 11.02
CA LEU E 86 14.48 -48.70 12.21
C LEU E 86 15.18 -49.58 13.24
N ARG E 87 14.98 -49.24 14.50
CA ARG E 87 15.55 -49.97 15.63
C ARG E 87 14.42 -50.53 16.49
N SER E 88 14.80 -51.39 17.43
CA SER E 88 13.82 -52.11 18.25
C SER E 88 13.05 -51.20 19.21
N GLU E 89 13.52 -49.97 19.44
CA GLU E 89 12.94 -49.08 20.43
C GLU E 89 12.07 -47.98 19.82
N ASP E 90 11.80 -48.04 18.52
CA ASP E 90 10.96 -47.05 17.84
C ASP E 90 9.50 -47.47 17.75
N THR E 91 9.13 -48.60 18.35
CA THR E 91 7.73 -49.00 18.38
C THR E 91 6.92 -47.94 19.15
N ALA E 92 5.86 -47.46 18.53
CA ALA E 92 5.08 -46.36 19.09
C ALA E 92 3.81 -46.21 18.26
N MET E 93 3.04 -45.17 18.57
CA MET E 93 1.89 -44.74 17.78
C MET E 93 2.13 -43.29 17.37
N TYR E 94 2.17 -43.06 16.06
CA TYR E 94 2.53 -41.75 15.52
C TYR E 94 1.29 -40.94 15.23
N TYR E 95 1.28 -39.71 15.75
CA TYR E 95 0.14 -38.81 15.63
C TYR E 95 0.45 -37.70 14.63
N CYS E 96 -0.50 -37.49 13.72
CA CYS E 96 -0.45 -36.38 12.77
C CYS E 96 -1.12 -35.18 13.42
N VAL E 97 -0.37 -34.10 13.58
CA VAL E 97 -0.80 -32.93 14.34
C VAL E 97 -0.67 -31.69 13.48
N ARG E 98 -1.67 -30.83 13.52
CA ARG E 98 -1.66 -29.56 12.82
C ARG E 98 -1.28 -28.44 13.79
N SER E 99 -0.92 -27.30 13.22
CA SER E 99 -0.56 -26.13 14.01
C SER E 99 -0.44 -24.93 13.07
N ILE E 100 -0.98 -23.80 13.48
CA ILE E 100 -0.90 -22.56 12.72
C ILE E 100 -0.41 -21.47 13.65
N TYR E 101 0.56 -20.68 13.18
CA TYR E 101 1.27 -19.71 14.00
C TYR E 101 1.05 -18.31 13.47
N TYR E 102 0.22 -17.53 14.17
CA TYR E 102 0.14 -16.09 14.00
C TYR E 102 -0.28 -15.52 15.35
N TYR E 103 -0.42 -14.19 15.39
CA TYR E 103 -0.79 -13.54 16.65
C TYR E 103 -2.19 -13.98 17.07
N GLY E 104 -2.30 -14.56 18.25
CA GLY E 104 -3.57 -15.05 18.75
C GLY E 104 -3.96 -16.42 18.27
N SER E 105 -3.05 -17.17 17.65
CA SER E 105 -3.37 -18.50 17.15
C SER E 105 -3.40 -19.52 18.28
N SER E 106 -3.90 -20.70 17.95
CA SER E 106 -4.04 -21.81 18.89
C SER E 106 -3.44 -23.06 18.24
N PRO E 107 -2.12 -23.21 18.23
CA PRO E 107 -1.52 -24.38 17.59
C PRO E 107 -1.82 -25.67 18.34
N PHE E 108 -1.55 -26.78 17.67
CA PHE E 108 -1.81 -28.12 18.20
C PHE E 108 -3.29 -28.32 18.52
N ASP E 109 -4.16 -27.66 17.77
CA ASP E 109 -5.58 -27.68 18.06
C ASP E 109 -6.28 -28.94 17.54
N PHE E 110 -5.69 -29.67 16.60
CA PHE E 110 -6.26 -30.92 16.11
C PHE E 110 -5.17 -31.96 15.97
N TRP E 111 -5.54 -33.21 16.23
CA TRP E 111 -4.62 -34.35 16.22
C TRP E 111 -5.21 -35.45 15.36
N GLY E 112 -4.34 -36.27 14.78
CA GLY E 112 -4.78 -37.38 13.95
C GLY E 112 -5.27 -38.55 14.77
N GLN E 113 -5.66 -39.61 14.05
CA GLN E 113 -6.19 -40.79 14.72
C GLN E 113 -5.08 -41.61 15.36
N GLY E 114 -3.93 -41.72 14.70
CA GLY E 114 -2.82 -42.51 15.20
C GLY E 114 -2.79 -43.89 14.57
N THR E 115 -1.61 -44.31 14.12
CA THR E 115 -1.39 -45.65 13.56
C THR E 115 -0.25 -46.31 14.31
N THR E 116 -0.50 -47.53 14.79
CA THR E 116 0.50 -48.28 15.53
C THR E 116 1.58 -48.75 14.57
N LEU E 117 2.83 -48.59 15.00
CA LEU E 117 3.99 -49.17 14.32
C LEU E 117 4.78 -49.96 15.35
N THR E 118 4.95 -51.25 15.09
CA THR E 118 5.70 -52.14 15.95
C THR E 118 6.81 -52.80 15.16
N VAL E 119 7.85 -53.22 15.88
CA VAL E 119 9.07 -53.73 15.27
C VAL E 119 9.47 -55.07 15.89
N ASP E 137 18.02 -28.89 26.41
CA ASP E 137 16.64 -29.33 26.33
C ASP E 137 15.91 -29.05 27.64
N ILE E 138 14.71 -28.50 27.54
CA ILE E 138 13.93 -28.18 28.73
C ILE E 138 13.36 -29.48 29.29
N VAL E 139 13.70 -29.77 30.54
CA VAL E 139 13.22 -30.96 31.24
C VAL E 139 12.00 -30.57 32.05
N MET E 140 10.90 -31.28 31.85
CA MET E 140 9.64 -31.02 32.53
C MET E 140 9.15 -32.29 33.22
N THR E 141 8.73 -32.13 34.47
CA THR E 141 8.26 -33.23 35.30
C THR E 141 6.89 -32.90 35.86
N GLN E 142 6.00 -33.89 35.82
CA GLN E 142 4.70 -33.83 36.50
C GLN E 142 4.76 -34.79 37.67
N ALA E 143 4.81 -34.24 38.89
CA ALA E 143 5.03 -35.06 40.07
C ALA E 143 3.91 -36.07 40.26
N THR E 144 2.66 -35.63 40.06
CA THR E 144 1.53 -36.53 40.23
C THR E 144 1.55 -37.63 39.18
N SER E 145 1.21 -38.84 39.61
CA SER E 145 1.11 -40.00 38.72
C SER E 145 -0.30 -40.57 38.70
N SER E 146 -0.93 -40.71 39.87
CA SER E 146 -2.30 -41.19 39.95
C SER E 146 -2.95 -40.56 41.17
N VAL E 147 -4.01 -39.78 40.94
CA VAL E 147 -4.70 -39.04 41.98
C VAL E 147 -6.13 -39.58 42.06
N PRO E 148 -6.54 -40.27 43.13
CA PRO E 148 -7.95 -40.64 43.25
C PRO E 148 -8.81 -39.39 43.43
N VAL E 149 -9.96 -39.38 42.74
CA VAL E 149 -10.85 -38.22 42.74
C VAL E 149 -12.28 -38.69 42.91
N THR E 150 -13.11 -37.80 43.48
CA THR E 150 -14.54 -38.03 43.63
C THR E 150 -15.30 -37.21 42.58
N PRO E 151 -16.46 -37.67 42.10
CA PRO E 151 -17.23 -36.83 41.17
C PRO E 151 -17.69 -35.54 41.83
N GLY E 152 -17.80 -34.49 41.02
CA GLY E 152 -18.25 -33.22 41.54
C GLY E 152 -17.28 -32.54 42.48
N GLU E 153 -16.00 -32.91 42.43
CA GLU E 153 -14.98 -32.37 43.33
C GLU E 153 -13.92 -31.64 42.51
N SER E 154 -13.62 -30.42 42.91
CA SER E 154 -12.58 -29.64 42.25
C SER E 154 -11.21 -30.29 42.47
N VAL E 155 -10.39 -30.28 41.42
CA VAL E 155 -9.05 -30.85 41.45
C VAL E 155 -8.09 -29.86 40.80
N SER E 156 -6.80 -30.08 41.07
CA SER E 156 -5.74 -29.29 40.46
C SER E 156 -4.63 -30.21 40.01
N ILE E 157 -4.01 -29.87 38.88
CA ILE E 157 -2.89 -30.61 38.31
C ILE E 157 -1.76 -29.62 38.06
N SER E 158 -0.59 -29.92 38.60
CA SER E 158 0.59 -29.09 38.49
C SER E 158 1.62 -29.74 37.59
N CYS E 159 2.41 -28.91 36.91
CA CYS E 159 3.47 -29.37 36.02
C CYS E 159 4.64 -28.41 36.15
N ARG E 160 5.76 -28.90 36.66
CA ARG E 160 6.92 -28.07 36.91
C ARG E 160 7.74 -27.89 35.65
N SER E 161 8.75 -27.03 35.73
CA SER E 161 9.64 -26.74 34.62
C SER E 161 11.05 -26.58 35.15
N SER E 162 12.02 -26.70 34.24
CA SER E 162 13.43 -26.50 34.59
C SER E 162 13.80 -25.02 34.56
N LYS E 163 13.61 -24.37 33.41
CA LYS E 163 13.89 -22.96 33.22
C LYS E 163 12.58 -22.20 32.98
N SER E 164 12.67 -20.88 33.09
CA SER E 164 11.48 -20.04 32.97
C SER E 164 10.96 -20.05 31.55
N LEU E 165 9.63 -20.17 31.42
CA LEU E 165 8.95 -20.11 30.13
C LEU E 165 8.44 -18.72 29.79
N LEU E 166 8.40 -17.81 30.75
CA LEU E 166 7.90 -16.46 30.49
C LEU E 166 8.90 -15.70 29.62
N HIS E 167 8.45 -15.30 28.42
CA HIS E 167 9.31 -14.63 27.47
C HIS E 167 9.39 -13.13 27.76
N SER E 168 10.30 -12.44 27.07
CA SER E 168 10.45 -11.01 27.27
C SER E 168 9.19 -10.25 26.86
N ASN E 169 8.58 -10.65 25.74
CA ASN E 169 7.37 -9.98 25.28
C ASN E 169 6.17 -10.18 26.21
N GLY E 170 6.20 -11.20 27.06
CA GLY E 170 5.16 -11.43 28.05
C GLY E 170 4.29 -12.65 27.82
N ASN E 171 4.59 -13.47 26.82
CA ASN E 171 3.84 -14.69 26.55
C ASN E 171 4.55 -15.86 27.22
N THR E 172 3.80 -16.64 28.00
CA THR E 172 4.30 -17.86 28.61
C THR E 172 3.86 -19.01 27.71
N TYR E 173 4.82 -19.75 27.17
CA TYR E 173 4.57 -20.73 26.11
C TYR E 173 4.42 -22.10 26.75
N LEU E 174 3.21 -22.42 27.19
CA LEU E 174 2.94 -23.70 27.84
C LEU E 174 1.54 -24.15 27.46
N TYR E 175 1.39 -25.45 27.25
CA TYR E 175 0.19 -26.04 26.69
C TYR E 175 -0.28 -27.17 27.58
N TRP E 176 -1.59 -27.45 27.53
CA TRP E 176 -2.19 -28.55 28.25
C TRP E 176 -3.02 -29.40 27.28
N PHE E 177 -2.73 -30.70 27.26
CA PHE E 177 -3.39 -31.65 26.36
C PHE E 177 -4.06 -32.74 27.19
N LEU E 178 -5.18 -33.24 26.70
CA LEU E 178 -5.96 -34.26 27.38
C LEU E 178 -6.27 -35.42 26.44
N GLN E 179 -6.03 -36.64 26.92
CA GLN E 179 -6.26 -37.86 26.17
C GLN E 179 -7.24 -38.74 26.93
N ARG E 180 -8.43 -38.94 26.37
CA ARG E 180 -9.34 -39.92 26.91
C ARG E 180 -8.80 -41.32 26.64
N PRO E 181 -9.30 -42.34 27.34
CA PRO E 181 -8.90 -43.72 27.01
C PRO E 181 -9.29 -44.08 25.59
N GLY E 182 -8.34 -44.68 24.86
CA GLY E 182 -8.59 -45.07 23.48
C GLY E 182 -8.96 -43.93 22.56
N GLN E 183 -8.29 -42.78 22.71
CA GLN E 183 -8.59 -41.59 21.92
C GLN E 183 -7.30 -40.80 21.72
N SER E 184 -7.30 -39.97 20.69
CA SER E 184 -6.17 -39.09 20.46
C SER E 184 -6.23 -37.89 21.41
N PRO E 185 -5.11 -37.29 21.81
CA PRO E 185 -5.18 -36.12 22.68
C PRO E 185 -5.67 -34.90 21.93
N GLN E 186 -6.13 -33.91 22.71
CA GLN E 186 -6.64 -32.66 22.16
C GLN E 186 -6.19 -31.50 23.03
N LEU E 187 -6.13 -30.32 22.41
CA LEU E 187 -5.72 -29.12 23.14
C LEU E 187 -6.79 -28.73 24.15
N LEU E 188 -6.35 -28.32 25.34
CA LEU E 188 -7.21 -27.72 26.35
C LEU E 188 -6.87 -26.26 26.59
N ILE E 189 -5.63 -25.96 26.94
CA ILE E 189 -5.17 -24.60 27.21
C ILE E 189 -3.88 -24.38 26.43
N TYR E 190 -3.81 -23.25 25.72
CA TYR E 190 -2.60 -22.84 25.01
C TYR E 190 -2.08 -21.55 25.62
N ARG E 191 -0.77 -21.49 25.82
CA ARG E 191 -0.09 -20.36 26.45
C ARG E 191 -0.60 -20.10 27.87
N MET E 192 -0.96 -21.17 28.59
CA MET E 192 -1.12 -21.20 30.04
C MET E 192 -2.39 -20.51 30.55
N SER E 193 -3.07 -19.72 29.72
CA SER E 193 -4.27 -19.00 30.16
C SER E 193 -5.44 -19.15 29.19
N ASN E 194 -5.17 -19.17 27.89
CA ASN E 194 -6.23 -19.15 26.91
C ASN E 194 -6.82 -20.53 26.71
N LEU E 195 -8.14 -20.57 26.54
CA LEU E 195 -8.88 -21.81 26.37
C LEU E 195 -8.98 -22.16 24.89
N ALA E 196 -9.02 -23.45 24.60
CA ALA E 196 -9.21 -23.93 23.23
C ALA E 196 -10.68 -23.79 22.86
N SER E 197 -11.00 -24.05 21.59
CA SER E 197 -12.38 -23.93 21.11
C SER E 197 -13.15 -25.20 21.44
N GLY E 198 -14.35 -25.04 21.99
CA GLY E 198 -15.17 -26.16 22.38
C GLY E 198 -14.85 -26.75 23.74
N VAL E 199 -13.89 -26.18 24.47
CA VAL E 199 -13.54 -26.65 25.80
C VAL E 199 -14.45 -25.94 26.80
N PRO E 200 -15.12 -26.66 27.72
CA PRO E 200 -15.98 -25.95 28.67
C PRO E 200 -15.18 -25.05 29.60
N ASP E 201 -15.82 -24.00 30.12
CA ASP E 201 -15.08 -22.98 30.92
C ASP E 201 -14.54 -23.56 32.24
N ARG E 202 -15.03 -24.71 32.69
CA ARG E 202 -14.57 -25.21 33.98
C ARG E 202 -13.05 -25.33 34.02
N PHE E 203 -12.43 -25.69 32.90
CA PHE E 203 -10.97 -25.75 32.84
C PHE E 203 -10.39 -24.35 32.95
N SER E 204 -9.33 -24.24 33.76
CA SER E 204 -8.68 -22.92 33.98
C SER E 204 -7.19 -23.13 34.29
N GLY E 205 -6.33 -22.34 33.66
CA GLY E 205 -4.89 -22.43 33.84
C GLY E 205 -4.34 -21.14 34.43
N SER E 206 -3.40 -21.29 35.34
CA SER E 206 -2.84 -20.14 36.04
C SER E 206 -1.50 -20.56 36.64
N GLY E 207 -0.78 -19.58 37.16
CA GLY E 207 0.49 -19.81 37.83
C GLY E 207 1.43 -18.66 37.56
N SER E 208 2.73 -18.96 37.67
CA SER E 208 3.79 -18.00 37.40
C SER E 208 4.87 -18.73 36.61
N GLY E 209 6.01 -18.07 36.42
CA GLY E 209 7.13 -18.70 35.76
C GLY E 209 7.63 -19.92 36.52
N THR E 210 7.85 -21.01 35.80
CA THR E 210 8.40 -22.25 36.37
C THR E 210 7.43 -22.90 37.37
N ALA E 211 6.14 -22.56 37.29
CA ALA E 211 5.14 -23.18 38.14
C ALA E 211 3.78 -22.98 37.49
N PHE E 212 3.17 -24.07 37.02
CA PHE E 212 1.96 -24.02 36.22
C PHE E 212 0.95 -25.00 36.79
N THR E 213 -0.30 -24.56 36.91
CA THR E 213 -1.37 -25.35 37.50
C THR E 213 -2.57 -25.34 36.57
N LEU E 214 -3.21 -26.49 36.44
CA LEU E 214 -4.48 -26.64 35.75
C LEU E 214 -5.54 -26.98 36.78
N THR E 215 -6.53 -26.10 36.92
CA THR E 215 -7.58 -26.24 37.91
C THR E 215 -8.90 -26.56 37.22
N ILE E 216 -9.60 -27.57 37.75
CA ILE E 216 -10.89 -28.00 37.24
C ILE E 216 -11.90 -27.87 38.38
N SER E 217 -13.04 -27.25 38.09
CA SER E 217 -14.12 -27.06 39.04
C SER E 217 -15.38 -27.71 38.51
N ARG E 218 -16.18 -28.25 39.42
CA ARG E 218 -17.39 -28.99 39.05
C ARG E 218 -17.04 -30.16 38.15
N LEU E 219 -15.98 -30.88 38.52
CA LEU E 219 -15.55 -32.04 37.76
C LEU E 219 -16.65 -33.09 37.71
N GLU E 220 -16.90 -33.62 36.52
CA GLU E 220 -17.93 -34.62 36.31
C GLU E 220 -17.41 -35.65 35.31
N ALA E 221 -18.26 -36.58 34.91
CA ALA E 221 -17.84 -37.70 34.09
C ALA E 221 -17.40 -37.23 32.71
N GLU E 222 -16.84 -38.15 31.94
CA GLU E 222 -16.33 -37.85 30.60
C GLU E 222 -15.23 -36.79 30.66
N ASP E 223 -14.47 -36.77 31.77
CA ASP E 223 -13.35 -35.86 31.95
C ASP E 223 -12.16 -36.60 32.56
N VAL E 224 -12.17 -37.94 32.50
CA VAL E 224 -11.12 -38.76 33.10
C VAL E 224 -10.14 -39.17 32.01
N GLY E 225 -8.88 -38.80 32.18
CA GLY E 225 -7.89 -39.12 31.18
C GLY E 225 -6.50 -38.78 31.66
N VAL E 226 -5.59 -38.68 30.70
CA VAL E 226 -4.17 -38.39 30.96
C VAL E 226 -3.89 -36.97 30.50
N TYR E 227 -3.35 -36.16 31.40
CA TYR E 227 -3.09 -34.74 31.14
C TYR E 227 -1.61 -34.54 30.89
N TYR E 228 -1.28 -33.98 29.73
CA TYR E 228 0.10 -33.73 29.33
C TYR E 228 0.36 -32.23 29.26
N CYS E 229 1.55 -31.84 29.69
CA CYS E 229 2.02 -30.45 29.65
C CYS E 229 3.21 -30.36 28.72
N MET E 230 3.18 -29.37 27.82
CA MET E 230 4.19 -29.18 26.79
C MET E 230 4.68 -27.75 26.82
N GLN E 231 5.92 -27.55 26.38
CA GLN E 231 6.49 -26.22 26.18
C GLN E 231 6.66 -25.95 24.70
N HIS E 232 6.59 -24.68 24.33
CA HIS E 232 6.84 -24.26 22.96
C HIS E 232 7.82 -23.08 22.91
N LEU E 233 8.63 -22.92 23.96
CA LEU E 233 9.60 -21.84 23.99
C LEU E 233 10.67 -22.04 22.92
N GLU E 234 11.14 -23.27 22.74
CA GLU E 234 12.18 -23.56 21.76
C GLU E 234 12.17 -25.06 21.49
N TYR E 235 12.72 -25.42 20.33
CA TYR E 235 12.78 -26.83 19.98
C TYR E 235 13.98 -27.48 20.67
N PRO E 236 13.92 -28.79 20.99
CA PRO E 236 12.82 -29.75 20.76
C PRO E 236 11.69 -29.56 21.76
N LEU E 237 10.47 -29.89 21.38
CA LEU E 237 9.30 -29.75 22.24
C LEU E 237 9.24 -30.96 23.17
N THR E 238 9.24 -30.70 24.47
CA THR E 238 9.29 -31.74 25.48
C THR E 238 7.95 -31.77 26.23
N PHE E 239 7.35 -32.95 26.29
CA PHE E 239 6.10 -33.15 26.99
C PHE E 239 6.39 -33.49 28.46
N GLY E 240 5.34 -33.58 29.27
CA GLY E 240 5.45 -34.05 30.63
C GLY E 240 5.25 -35.55 30.71
N ALA E 241 5.43 -36.08 31.92
CA ALA E 241 5.25 -37.51 32.14
C ALA E 241 3.79 -37.94 32.00
N GLY E 242 2.87 -37.04 32.35
CA GLY E 242 1.45 -37.35 32.34
C GLY E 242 0.92 -37.66 33.73
N THR E 243 -0.36 -37.39 33.91
CA THR E 243 -1.04 -37.64 35.18
C THR E 243 -2.36 -38.33 34.90
N LYS E 244 -2.51 -39.55 35.43
CA LYS E 244 -3.72 -40.33 35.28
C LYS E 244 -4.72 -39.97 36.37
N LEU E 245 -6.00 -39.92 36.00
CA LEU E 245 -7.09 -39.70 36.95
C LEU E 245 -7.91 -40.97 37.06
N GLU E 246 -8.24 -41.35 38.29
CA GLU E 246 -9.01 -42.55 38.57
C GLU E 246 -10.02 -42.27 39.67
N LEU E 247 -11.12 -43.02 39.65
CA LEU E 247 -12.19 -42.86 40.63
C LEU E 247 -11.86 -43.62 41.90
OH SRO F . 43.99 0.07 -21.86
CZ3 SRO F . 42.67 0.22 -21.43
CH2 SRO F . 41.77 -0.84 -21.56
CZ2 SRO F . 40.46 -0.69 -21.13
CE2 SRO F . 40.05 0.54 -20.56
NE1 SRO F . 38.83 0.93 -20.07
CD1 SRO F . 38.90 2.18 -19.63
CG SRO F . 40.19 2.62 -19.82
CD2 SRO F . 40.92 1.57 -20.43
CE3 SRO F . 42.26 1.41 -20.86
CB SRO F . 40.71 4.01 -19.46
CA SRO F . 41.84 4.03 -18.44
NZ SRO F . 42.19 5.41 -18.15
#